data_4AN1
#
_entry.id   4AN1
#
_cell.length_a   70.500
_cell.length_b   99.000
_cell.length_c   109.400
_cell.angle_alpha   90.00
_cell.angle_beta   90.00
_cell.angle_gamma   90.00
#
_symmetry.space_group_name_H-M   'P 21 21 21'
#
loop_
_entity.id
_entity.type
_entity.pdbx_description
1 polymer 'PROLYL ENDOPEPTIDASE'
2 non-polymer (2S)-N-benzyl-2-({(2S)-2-[(1R)-1,2-dihydroxyethyl]pyrrolidin-1-yl}carbonyl)pyrrolidine-1-carboxamide
3 non-polymer GLYCEROL
4 water water
#
_entity_poly.entity_id   1
_entity_poly.type   'polypeptide(L)'
_entity_poly.pdbx_seq_one_letter_code
;MLSFQYPDVYRDETAIQDYHGHKVCDPYAWLEDPDSEQTKAFVEAQNKITVPFLEQCPIRGLYKERMTELYDYPKYSCHF
KKGKRYFYFYNTGLQNQRVLYVQDSLEGEARVFLDPNILSDDGTVALRGYAFSEDGEYFAYGLSASGSDWVTIKFMKVDG
AKELPDVLERVKFSCMAWTHDGKGMFYNAYPQQDGKSDGTETSTNLHQKLYYHVLGTDQSEDILCAEFPDEPKWMGGAEL
SDDGRYVLLSIREGCDPVNRLWYCDLQQESNGITGILKWVKLIDNFEGEYDYVTNEGTVFTFKTNRHSPNYRLINIDFTD
PEESKWKVLVPEHEKDVLEWVACVRSNFLVLCYLHDVKNTLQLHDLATGALLKIFPLEVGSVVGYSGQKKDTEIFYQFTS
FLSPGIIYHCDLTKEELEPRVFREVTVKGIDASDYQTVQIFYPSKDGTKIPMFIVHKKGIKLDGSHPAFLYGYGGFNISI
TPNYSVSRLIFVRHMGGVLAVANIRGGGEYGETWHKGGILANKQNCFDDFQCAAEYLIKEGYTSPKRLTINGGSNGGLLV
ATCANQRPDLFGCVIAQVGVMDMLKFHKYTIGHAWTTDYGCSDSKQHFEWLIKYSPLHNVKLPEADDIQYPSMLLLTADH
DDRVVPLHSLKFIATLQYIVGRSRKQNNPLLIHVDTKAGHGAGKPTAKVIEEVSDMFAFIARCLNIDWIP
;
_entity_poly.pdbx_strand_id   A
#
# COMPACT_ATOMS: atom_id res chain seq x y z
N MET A 1 -16.31 -16.64 28.35
CA MET A 1 -15.27 -15.82 27.66
C MET A 1 -15.65 -14.33 27.54
N LEU A 2 -16.93 -14.07 27.22
CA LEU A 2 -17.50 -12.71 27.27
C LEU A 2 -17.72 -12.28 28.71
N SER A 3 -16.61 -12.02 29.40
CA SER A 3 -16.56 -11.55 30.78
C SER A 3 -16.66 -10.02 30.84
N PHE A 4 -17.39 -9.45 29.88
CA PHE A 4 -17.49 -8.01 29.67
C PHE A 4 -18.82 -7.65 28.98
N GLN A 5 -19.25 -6.42 29.15
CA GLN A 5 -20.46 -5.93 28.52
C GLN A 5 -20.07 -4.97 27.38
N TYR A 6 -20.77 -5.06 26.24
CA TYR A 6 -20.63 -4.04 25.20
C TYR A 6 -21.14 -2.69 25.70
N PRO A 7 -20.43 -1.61 25.39
CA PRO A 7 -20.91 -0.28 25.79
C PRO A 7 -22.27 0.05 25.18
N ASP A 8 -23.08 0.81 25.92
CA ASP A 8 -24.32 1.37 25.36
C ASP A 8 -23.91 2.40 24.34
N VAL A 9 -24.54 2.37 23.16
CA VAL A 9 -24.14 3.31 22.11
C VAL A 9 -25.45 3.86 21.59
N TYR A 10 -25.58 5.17 21.65
CA TYR A 10 -26.80 5.86 21.21
C TYR A 10 -27.08 5.60 19.70
N ARG A 11 -28.34 5.29 19.40
CA ARG A 11 -28.83 5.16 18.01
C ARG A 11 -29.71 6.35 17.63
N ASP A 12 -29.28 7.07 16.58
CA ASP A 12 -30.02 8.19 16.06
C ASP A 12 -30.97 7.60 15.04
N GLU A 13 -32.16 7.25 15.53
CA GLU A 13 -33.17 6.60 14.69
C GLU A 13 -33.83 7.57 13.71
N THR A 14 -33.42 8.84 13.73
CA THR A 14 -33.95 9.82 12.80
C THR A 14 -33.07 9.93 11.54
N ALA A 15 -31.87 9.37 11.64
CA ALA A 15 -30.88 9.47 10.57
C ALA A 15 -31.29 8.52 9.44
N ILE A 16 -32.09 9.04 8.52
CA ILE A 16 -32.64 8.26 7.40
C ILE A 16 -32.35 9.01 6.10
N GLN A 17 -31.71 8.34 5.15
CA GLN A 17 -31.39 8.96 3.86
C GLN A 17 -32.02 8.15 2.72
N ASP A 18 -32.55 8.85 1.73
CA ASP A 18 -33.14 8.20 0.58
C ASP A 18 -32.05 8.03 -0.46
N TYR A 19 -31.77 6.79 -0.84
CA TYR A 19 -30.88 6.53 -1.95
C TYR A 19 -31.70 5.98 -3.13
N HIS A 20 -32.01 6.85 -4.07
CA HIS A 20 -32.70 6.47 -5.33
C HIS A 20 -33.98 5.66 -5.08
N GLY A 21 -34.70 6.04 -4.03
CA GLY A 21 -35.93 5.33 -3.62
C GLY A 21 -35.75 4.26 -2.55
N HIS A 22 -34.50 3.93 -2.17
CA HIS A 22 -34.20 2.96 -1.12
C HIS A 22 -33.89 3.75 0.18
N LYS A 23 -34.65 3.52 1.25
CA LYS A 23 -34.39 4.23 2.51
C LYS A 23 -33.26 3.54 3.26
N VAL A 24 -32.20 4.27 3.59
CA VAL A 24 -31.15 3.72 4.44
C VAL A 24 -31.07 4.47 5.78
N CYS A 25 -31.12 3.71 6.87
CA CYS A 25 -30.92 4.22 8.24
C CYS A 25 -29.43 4.19 8.61
N ASP A 26 -28.93 5.26 9.20
CA ASP A 26 -27.51 5.32 9.61
C ASP A 26 -27.44 5.83 11.07
N PRO A 27 -27.89 5.00 12.01
CA PRO A 27 -28.11 5.47 13.39
C PRO A 27 -26.81 5.83 14.14
N TYR A 28 -25.65 5.39 13.64
CA TYR A 28 -24.37 5.79 14.22
C TYR A 28 -23.64 6.87 13.42
N ALA A 29 -24.38 7.60 12.58
CA ALA A 29 -23.82 8.70 11.78
C ALA A 29 -22.98 9.71 12.58
N TRP A 30 -23.28 9.85 13.86
CA TRP A 30 -22.60 10.82 14.74
C TRP A 30 -21.13 10.43 15.03
N LEU A 31 -20.80 9.16 14.84
CA LEU A 31 -19.41 8.71 14.94
C LEU A 31 -18.48 9.24 13.85
N GLU A 32 -19.08 9.90 12.85
CA GLU A 32 -18.35 10.52 11.73
C GLU A 32 -17.56 11.74 12.17
N ASP A 33 -17.92 12.30 13.32
CA ASP A 33 -17.21 13.44 13.88
C ASP A 33 -16.15 12.98 14.87
N PRO A 34 -14.88 13.02 14.48
CA PRO A 34 -13.81 12.53 15.35
C PRO A 34 -13.57 13.42 16.57
N ASP A 35 -14.00 14.68 16.49
CA ASP A 35 -13.65 15.63 17.53
C ASP A 35 -14.67 15.69 18.66
N SER A 36 -15.85 15.11 18.46
CA SER A 36 -16.88 15.22 19.50
C SER A 36 -16.52 14.44 20.78
N GLU A 37 -17.02 14.93 21.92
CA GLU A 37 -16.91 14.18 23.16
C GLU A 37 -17.60 12.84 23.09
N GLN A 38 -18.72 12.76 22.37
CA GLN A 38 -19.42 11.50 22.16
C GLN A 38 -18.55 10.46 21.50
N THR A 39 -17.83 10.87 20.46
CA THR A 39 -17.07 9.93 19.68
C THR A 39 -15.83 9.52 20.48
N LYS A 40 -15.22 10.49 21.15
CA LYS A 40 -14.10 10.21 22.05
C LYS A 40 -14.49 9.20 23.14
N ALA A 41 -15.67 9.41 23.74
CA ALA A 41 -16.17 8.49 24.77
C ALA A 41 -16.39 7.08 24.25
N PHE A 42 -16.93 6.97 23.03
CA PHE A 42 -17.18 5.68 22.39
C PHE A 42 -15.88 4.93 22.25
N VAL A 43 -14.88 5.61 21.72
CA VAL A 43 -13.59 4.99 21.49
C VAL A 43 -12.99 4.49 22.81
N GLU A 44 -13.04 5.32 23.84
CA GLU A 44 -12.47 4.98 25.15
C GLU A 44 -13.18 3.75 25.72
N ALA A 45 -14.51 3.73 25.59
CA ALA A 45 -15.32 2.63 26.11
C ALA A 45 -15.02 1.33 25.35
N GLN A 46 -14.72 1.43 24.06
CA GLN A 46 -14.33 0.24 23.27
C GLN A 46 -12.97 -0.29 23.62
N ASN A 47 -11.95 0.59 23.65
CA ASN A 47 -10.60 0.13 24.02
C ASN A 47 -10.61 -0.48 25.43
N LYS A 48 -11.51 0.04 26.28
CA LYS A 48 -11.59 -0.46 27.67
C LYS A 48 -11.94 -1.96 27.74
N ILE A 49 -12.71 -2.49 26.80
CA ILE A 49 -13.02 -3.91 26.83
C ILE A 49 -12.02 -4.69 25.98
N THR A 50 -11.53 -4.06 24.92
CA THR A 50 -10.65 -4.78 24.00
C THR A 50 -9.31 -5.05 24.62
N VAL A 51 -8.67 -4.02 25.18
CA VAL A 51 -7.29 -4.22 25.69
C VAL A 51 -7.19 -5.34 26.75
N PRO A 52 -8.04 -5.33 27.78
CA PRO A 52 -7.96 -6.45 28.74
C PRO A 52 -8.18 -7.83 28.14
N PHE A 53 -9.08 -7.94 27.17
CA PHE A 53 -9.34 -9.21 26.50
C PHE A 53 -8.05 -9.74 25.83
N LEU A 54 -7.39 -8.87 25.08
CA LEU A 54 -6.19 -9.25 24.35
C LEU A 54 -5.04 -9.57 25.30
N GLU A 55 -4.93 -8.82 26.38
CA GLU A 55 -3.75 -8.96 27.23
C GLU A 55 -3.94 -9.95 28.39
N GLN A 56 -5.12 -10.56 28.46
CA GLN A 56 -5.35 -11.49 29.58
C GLN A 56 -4.48 -12.75 29.43
N CYS A 57 -4.24 -13.18 28.20
CA CYS A 57 -3.60 -14.49 28.02
C CYS A 57 -2.08 -14.38 27.93
N PRO A 58 -1.35 -15.26 28.64
CA PRO A 58 0.12 -15.19 28.61
C PRO A 58 0.65 -15.36 27.19
N ILE A 59 -0.17 -15.86 26.28
CA ILE A 59 0.33 -16.06 24.91
C ILE A 59 0.72 -14.75 24.23
N ARG A 60 0.01 -13.66 24.51
CA ARG A 60 0.43 -12.37 23.97
C ARG A 60 1.89 -12.02 24.32
N GLY A 61 2.25 -12.21 25.58
CA GLY A 61 3.63 -11.94 26.04
C GLY A 61 4.65 -12.87 25.38
N LEU A 62 4.27 -14.14 25.24
CA LEU A 62 5.13 -15.11 24.58
C LEU A 62 5.33 -14.72 23.13
N TYR A 63 4.26 -14.29 22.48
CA TYR A 63 4.33 -13.89 21.07
C TYR A 63 5.17 -12.61 20.94
N LYS A 64 4.90 -11.64 21.80
CA LYS A 64 5.65 -10.38 21.75
C LYS A 64 7.16 -10.59 22.00
N GLU A 65 7.52 -11.46 22.95
CA GLU A 65 8.93 -11.76 23.22
C GLU A 65 9.62 -12.40 22.01
N ARG A 66 8.90 -13.30 21.35
CA ARG A 66 9.41 -13.99 20.19
C ARG A 66 9.52 -13.04 19.00
N MET A 67 8.51 -12.19 18.84
CA MET A 67 8.50 -11.20 17.75
C MET A 67 9.67 -10.25 17.92
N THR A 68 9.88 -9.80 19.14
CA THR A 68 10.95 -8.84 19.47
C THR A 68 12.32 -9.43 19.17
N GLU A 69 12.51 -10.69 19.54
CA GLU A 69 13.74 -11.45 19.25
C GLU A 69 13.93 -11.67 17.73
N LEU A 70 12.90 -12.17 17.05
CA LEU A 70 13.05 -12.62 15.66
C LEU A 70 13.01 -11.47 14.66
N TYR A 71 12.26 -10.43 14.99
CA TYR A 71 12.23 -9.21 14.19
C TYR A 71 13.51 -8.39 14.30
N ASP A 72 14.35 -8.72 15.26
CA ASP A 72 15.58 -7.98 15.52
C ASP A 72 16.71 -8.51 14.65
N TYR A 73 16.67 -8.15 13.37
CA TYR A 73 17.74 -8.48 12.40
C TYR A 73 17.96 -7.22 11.57
N PRO A 74 19.16 -7.06 11.01
CA PRO A 74 19.40 -5.81 10.29
C PRO A 74 18.61 -5.70 8.97
N LYS A 75 18.12 -4.50 8.72
CA LYS A 75 17.27 -4.27 7.56
C LYS A 75 17.93 -3.17 6.75
N TYR A 76 18.27 -3.50 5.49
CA TYR A 76 18.88 -2.51 4.59
C TYR A 76 17.98 -2.31 3.38
N SER A 77 17.96 -1.07 2.84
CA SER A 77 17.51 -0.74 1.49
C SER A 77 18.70 -0.88 0.55
N CYS A 78 18.43 -0.89 -0.76
CA CYS A 78 19.49 -0.84 -1.77
C CYS A 78 20.38 0.39 -1.59
N HIS A 79 21.67 0.26 -1.87
CA HIS A 79 22.47 1.46 -2.07
C HIS A 79 21.94 2.22 -3.27
N PHE A 80 22.07 3.53 -3.24
CA PHE A 80 21.83 4.31 -4.43
C PHE A 80 22.76 5.49 -4.45
N LYS A 81 23.21 5.86 -5.64
CA LYS A 81 24.17 6.92 -5.77
C LYS A 81 23.46 8.20 -6.15
N LYS A 82 23.88 9.29 -5.51
CA LYS A 82 23.42 10.64 -5.83
C LYS A 82 24.64 11.58 -5.87
N GLY A 83 24.87 12.19 -7.02
CA GLY A 83 26.05 13.03 -7.18
C GLY A 83 27.25 12.13 -6.95
N LYS A 84 28.15 12.56 -6.07
CA LYS A 84 29.41 11.84 -5.79
C LYS A 84 29.33 10.89 -4.58
N ARG A 85 28.14 10.64 -4.06
CA ARG A 85 28.00 9.88 -2.81
C ARG A 85 27.02 8.75 -2.96
N TYR A 86 27.14 7.75 -2.10
CA TYR A 86 26.14 6.68 -1.98
C TYR A 86 25.34 6.87 -0.71
N PHE A 87 24.07 6.51 -0.81
CA PHE A 87 23.13 6.51 0.29
C PHE A 87 22.46 5.14 0.44
N TYR A 88 21.94 4.88 1.63
CA TYR A 88 21.14 3.67 1.87
C TYR A 88 20.41 3.83 3.19
N PHE A 89 19.24 3.21 3.30
CA PHE A 89 18.58 3.13 4.58
C PHE A 89 18.95 1.88 5.32
N TYR A 90 19.00 1.96 6.64
CA TYR A 90 19.47 0.86 7.49
C TYR A 90 18.80 0.94 8.82
N ASN A 91 18.36 -0.21 9.32
CA ASN A 91 17.80 -0.36 10.68
C ASN A 91 18.58 -1.47 11.33
N THR A 92 19.19 -1.18 12.50
CA THR A 92 20.03 -2.15 13.16
C THR A 92 19.21 -3.38 13.53
N GLY A 93 17.93 -3.17 13.76
CA GLY A 93 17.00 -4.27 13.96
C GLY A 93 15.70 -3.77 14.51
N LEU A 94 15.78 -3.08 15.65
CA LEU A 94 14.58 -2.68 16.37
C LEU A 94 14.39 -1.17 16.49
N GLN A 95 15.14 -0.37 15.71
CA GLN A 95 14.92 1.07 15.74
C GLN A 95 13.49 1.35 15.26
N ASN A 96 12.83 2.34 15.85
CA ASN A 96 11.47 2.68 15.39
C ASN A 96 11.39 3.03 13.89
N GLN A 97 12.36 3.81 13.41
CA GLN A 97 12.44 4.22 12.01
C GLN A 97 13.81 3.87 11.44
N ARG A 98 13.83 3.46 10.16
CA ARG A 98 15.10 3.22 9.50
C ARG A 98 15.83 4.56 9.29
N VAL A 99 17.15 4.47 9.20
CA VAL A 99 17.98 5.68 9.20
C VAL A 99 18.69 5.80 7.86
N LEU A 100 18.80 7.02 7.35
CA LEU A 100 19.48 7.24 6.06
C LEU A 100 20.94 7.50 6.32
N TYR A 101 21.79 6.71 5.67
CA TYR A 101 23.24 6.83 5.80
C TYR A 101 23.82 7.34 4.49
N VAL A 102 25.03 7.91 4.57
CA VAL A 102 25.79 8.37 3.40
C VAL A 102 27.23 7.88 3.47
N GLN A 103 27.80 7.53 2.33
CA GLN A 103 29.23 7.29 2.26
C GLN A 103 29.82 7.88 0.98
N ASP A 104 31.09 8.27 1.02
CA ASP A 104 31.68 8.93 -0.15
C ASP A 104 32.14 7.95 -1.21
N SER A 105 32.13 6.65 -0.89
CA SER A 105 32.38 5.61 -1.88
C SER A 105 31.83 4.31 -1.35
N LEU A 106 31.85 3.28 -2.19
CA LEU A 106 31.30 1.99 -1.80
C LEU A 106 32.05 1.31 -0.66
N GLU A 107 33.33 1.61 -0.50
CA GLU A 107 34.13 1.05 0.62
C GLU A 107 34.42 2.08 1.72
N GLY A 108 33.89 3.29 1.58
CA GLY A 108 34.11 4.33 2.57
C GLY A 108 33.35 4.07 3.86
N GLU A 109 33.78 4.70 4.94
CA GLU A 109 33.04 4.66 6.19
C GLU A 109 31.70 5.37 5.97
N ALA A 110 30.62 4.77 6.47
CA ALA A 110 29.32 5.41 6.38
C ALA A 110 29.08 6.26 7.62
N ARG A 111 28.27 7.31 7.50
CA ARG A 111 27.80 8.08 8.64
C ARG A 111 26.31 8.37 8.51
N VAL A 112 25.69 8.64 9.63
CA VAL A 112 24.30 9.00 9.66
C VAL A 112 24.11 10.30 8.88
N PHE A 113 23.15 10.27 7.95
CA PHE A 113 22.74 11.44 7.21
C PHE A 113 21.43 12.05 7.74
N LEU A 114 20.38 11.23 7.83
CA LEU A 114 19.08 11.70 8.39
C LEU A 114 18.54 10.59 9.29
N ASP A 115 18.41 10.90 10.58
CA ASP A 115 17.88 9.96 11.56
C ASP A 115 16.50 10.44 12.09
N PRO A 116 15.39 9.89 11.53
CA PRO A 116 14.07 10.32 11.94
C PRO A 116 13.74 9.93 13.38
N ASN A 117 14.50 8.98 13.93
CA ASN A 117 14.25 8.60 15.32
C ASN A 117 14.39 9.74 16.32
N ILE A 118 15.26 10.68 16.00
CA ILE A 118 15.45 11.76 16.99
C ILE A 118 14.35 12.83 16.84
N LEU A 119 13.43 12.68 15.88
CA LEU A 119 12.35 13.68 15.67
C LEU A 119 11.14 13.46 16.57
N SER A 120 11.07 12.33 17.28
CA SER A 120 10.01 12.13 18.28
C SER A 120 10.43 11.11 19.35
N ASP A 121 9.80 11.14 20.50
CA ASP A 121 10.14 10.14 21.52
C ASP A 121 9.67 8.76 21.19
N ASP A 122 8.60 8.66 20.41
CA ASP A 122 7.95 7.39 20.20
C ASP A 122 8.06 6.91 18.75
N GLY A 123 8.92 7.53 17.94
CA GLY A 123 9.09 7.08 16.54
C GLY A 123 7.87 7.35 15.64
N THR A 124 6.99 8.29 16.02
CA THR A 124 5.77 8.54 15.24
C THR A 124 5.93 9.72 14.26
N VAL A 125 7.17 10.18 14.08
CA VAL A 125 7.45 11.06 12.95
C VAL A 125 8.28 10.23 11.98
N ALA A 126 7.82 10.17 10.72
CA ALA A 126 8.43 9.32 9.70
C ALA A 126 8.66 10.06 8.38
N LEU A 127 9.67 9.61 7.66
CA LEU A 127 9.93 10.10 6.35
C LEU A 127 8.80 9.67 5.42
N ARG A 128 8.30 10.59 4.62
CA ARG A 128 7.32 10.21 3.58
C ARG A 128 7.67 10.97 2.32
N GLY A 129 8.48 10.33 1.48
CA GLY A 129 8.89 10.95 0.23
C GLY A 129 10.18 11.72 0.40
N TYR A 130 10.98 11.76 -0.65
CA TYR A 130 12.20 12.57 -0.66
C TYR A 130 12.70 12.71 -2.08
N ALA A 131 13.57 13.68 -2.33
CA ALA A 131 14.09 13.97 -3.67
C ALA A 131 15.40 14.69 -3.49
N PHE A 132 16.44 14.13 -4.10
CA PHE A 132 17.75 14.79 -4.19
C PHE A 132 17.77 15.70 -5.42
N SER A 133 18.51 16.79 -5.34
CA SER A 133 18.74 17.64 -6.51
C SER A 133 19.49 16.76 -7.55
N GLU A 134 19.45 17.15 -8.83
CA GLU A 134 20.07 16.33 -9.87
C GLU A 134 21.56 16.05 -9.60
N ASP A 135 22.25 17.05 -9.05
CA ASP A 135 23.69 16.90 -8.81
C ASP A 135 23.98 16.23 -7.49
N GLY A 136 22.94 15.90 -6.73
CA GLY A 136 23.07 15.16 -5.47
C GLY A 136 23.51 16.01 -4.29
N GLU A 137 23.58 17.33 -4.48
CA GLU A 137 24.11 18.22 -3.44
C GLU A 137 23.06 18.79 -2.49
N TYR A 138 21.78 18.68 -2.84
CA TYR A 138 20.73 19.17 -1.92
C TYR A 138 19.68 18.11 -1.82
N PHE A 139 18.93 18.10 -0.72
CA PHE A 139 18.05 17.00 -0.42
C PHE A 139 16.76 17.55 0.16
N ALA A 140 15.61 17.16 -0.40
CA ALA A 140 14.30 17.53 0.13
C ALA A 140 13.66 16.28 0.69
N TYR A 141 12.91 16.40 1.78
CA TYR A 141 12.33 15.20 2.38
C TYR A 141 11.03 15.54 3.04
N GLY A 142 10.07 14.62 2.93
CA GLY A 142 8.76 14.80 3.57
C GLY A 142 8.79 14.22 4.97
N LEU A 143 8.13 14.88 5.93
CA LEU A 143 7.87 14.28 7.22
C LEU A 143 6.36 14.21 7.49
N SER A 144 5.91 13.05 7.93
CA SER A 144 4.55 12.86 8.41
C SER A 144 4.53 12.58 9.89
N ALA A 145 3.57 13.18 10.58
CA ALA A 145 3.42 12.98 12.02
C ALA A 145 2.23 12.05 12.28
N SER A 146 2.43 11.08 13.15
CA SER A 146 1.38 10.17 13.62
C SER A 146 0.72 9.33 12.51
N GLY A 147 1.46 9.06 11.43
CA GLY A 147 0.94 8.20 10.34
C GLY A 147 -0.01 8.93 9.37
N SER A 148 -0.18 10.24 9.54
CA SER A 148 -1.05 11.02 8.63
C SER A 148 -0.45 11.13 7.24
N ASP A 149 -1.31 11.21 6.21
CA ASP A 149 -0.87 11.49 4.85
C ASP A 149 -0.33 12.91 4.72
N TRP A 150 -0.71 13.85 5.61
CA TRP A 150 -0.16 15.23 5.53
C TRP A 150 1.37 15.24 5.70
N VAL A 151 2.04 16.07 4.92
CA VAL A 151 3.49 16.13 4.90
C VAL A 151 3.95 17.57 5.09
N THR A 152 5.06 17.74 5.79
CA THR A 152 5.87 18.97 5.73
C THR A 152 7.16 18.60 5.02
N ILE A 153 7.53 19.39 4.00
CA ILE A 153 8.79 19.16 3.33
C ILE A 153 9.89 20.03 3.90
N LYS A 154 11.02 19.42 4.23
CA LYS A 154 12.17 20.17 4.74
C LYS A 154 13.36 19.92 3.84
N PHE A 155 14.41 20.73 4.03
CA PHE A 155 15.54 20.73 3.09
C PHE A 155 16.88 20.71 3.78
N MET A 156 17.83 20.02 3.15
CA MET A 156 19.18 19.95 3.67
C MET A 156 20.17 20.16 2.57
N LYS A 157 21.31 20.73 2.94
CA LYS A 157 22.49 20.67 2.08
C LYS A 157 23.25 19.41 2.48
N VAL A 158 23.58 18.60 1.48
CA VAL A 158 24.14 17.26 1.68
C VAL A 158 25.53 17.35 2.32
N ASP A 159 26.42 18.16 1.76
CA ASP A 159 27.76 18.38 2.33
C ASP A 159 27.65 18.97 3.73
N GLY A 160 28.00 18.16 4.73
CA GLY A 160 27.87 18.54 6.15
C GLY A 160 26.47 18.35 6.74
N ALA A 161 25.55 17.75 5.97
CA ALA A 161 24.18 17.50 6.42
C ALA A 161 23.51 18.73 7.08
N LYS A 162 23.60 19.87 6.38
CA LYS A 162 23.22 21.14 6.99
C LYS A 162 21.74 21.38 6.83
N GLU A 163 21.07 21.71 7.91
CA GLU A 163 19.65 22.04 7.80
C GLU A 163 19.48 23.41 7.16
N LEU A 164 18.52 23.51 6.24
CA LEU A 164 18.17 24.78 5.60
C LEU A 164 16.87 25.35 6.16
N PRO A 165 16.63 26.66 5.97
CA PRO A 165 15.39 27.28 6.48
C PRO A 165 14.08 26.85 5.76
N ASP A 166 14.15 26.39 4.50
CA ASP A 166 12.96 26.15 3.65
C ASP A 166 12.02 25.11 4.26
N VAL A 167 10.77 25.48 4.45
CA VAL A 167 9.76 24.53 4.98
C VAL A 167 8.50 24.67 4.10
N LEU A 168 7.95 23.55 3.62
CA LEU A 168 6.72 23.64 2.79
C LEU A 168 5.58 22.97 3.50
N GLU A 169 4.47 23.70 3.70
CA GLU A 169 3.35 23.15 4.44
C GLU A 169 2.20 22.78 3.48
N ARG A 170 1.23 22.04 4.00
CA ARG A 170 0.01 21.72 3.22
C ARG A 170 0.25 20.78 2.02
N VAL A 171 1.29 19.96 2.16
CA VAL A 171 1.71 18.96 1.19
C VAL A 171 0.97 17.63 1.46
N LYS A 172 0.40 17.04 0.41
CA LYS A 172 -0.25 15.73 0.50
C LYS A 172 -0.35 15.13 -0.90
N PHE A 173 -0.18 13.82 -0.99
CA PHE A 173 -0.16 13.12 -2.28
C PHE A 173 0.70 13.83 -3.31
N SER A 174 1.92 14.17 -2.90
CA SER A 174 2.72 15.12 -3.64
C SER A 174 3.86 14.49 -4.40
N CYS A 175 4.15 15.05 -5.57
CA CYS A 175 5.46 14.81 -6.24
C CYS A 175 6.55 15.61 -5.52
N MET A 176 7.82 15.27 -5.82
CA MET A 176 8.98 16.10 -5.48
C MET A 176 9.98 15.97 -6.60
N ALA A 177 10.18 17.06 -7.34
CA ALA A 177 11.08 17.00 -8.50
C ALA A 177 11.84 18.29 -8.70
N TRP A 178 13.17 18.21 -8.55
CA TRP A 178 14.00 19.38 -8.74
C TRP A 178 14.25 19.62 -10.21
N THR A 179 14.21 20.88 -10.64
CA THR A 179 14.76 21.22 -11.95
C THR A 179 16.27 21.01 -11.96
N HIS A 180 16.81 20.64 -13.11
CA HIS A 180 18.23 20.27 -13.20
C HIS A 180 19.20 21.46 -13.05
N ASP A 181 18.67 22.67 -13.09
CA ASP A 181 19.45 23.88 -12.79
C ASP A 181 19.69 24.09 -11.29
N GLY A 182 19.13 23.19 -10.49
CA GLY A 182 19.27 23.24 -9.07
C GLY A 182 18.52 24.39 -8.40
N LYS A 183 17.74 25.16 -9.17
CA LYS A 183 17.11 26.36 -8.60
C LYS A 183 15.96 26.10 -7.60
N GLY A 184 15.27 25.00 -7.79
CA GLY A 184 14.03 24.80 -7.02
C GLY A 184 13.39 23.48 -7.35
N MET A 185 12.24 23.22 -6.75
CA MET A 185 11.63 21.92 -6.79
C MET A 185 10.11 22.05 -6.95
N PHE A 186 9.55 21.23 -7.82
CA PHE A 186 8.11 21.05 -7.93
C PHE A 186 7.55 20.21 -6.81
N TYR A 187 6.36 20.57 -6.33
CA TYR A 187 5.64 19.80 -5.29
C TYR A 187 4.16 20.17 -5.40
N ASN A 188 3.30 19.43 -4.71
CA ASN A 188 1.85 19.67 -4.72
C ASN A 188 1.36 20.12 -3.36
N ALA A 189 0.36 21.02 -3.34
CA ALA A 189 -0.25 21.39 -2.07
C ALA A 189 -1.71 21.67 -2.26
N TYR A 190 -2.42 21.68 -1.13
CA TYR A 190 -3.86 21.88 -1.11
C TYR A 190 -4.17 23.23 -0.48
N PRO A 191 -5.18 23.93 -0.98
CA PRO A 191 -5.67 25.20 -0.41
C PRO A 191 -6.01 25.05 1.06
N GLN A 192 -5.98 26.16 1.79
CA GLN A 192 -6.39 26.14 3.21
C GLN A 192 -7.82 25.65 3.32
N GLN A 193 -8.12 24.98 4.43
CA GLN A 193 -9.51 24.58 4.68
C GLN A 193 -9.82 24.91 6.13
N ASP A 194 -11.10 25.03 6.45
CA ASP A 194 -11.56 25.16 7.82
C ASP A 194 -11.26 23.89 8.65
N GLY A 195 -11.17 24.08 9.97
CA GLY A 195 -10.85 23.00 10.89
C GLY A 195 -9.40 22.53 10.81
N LYS A 196 -9.15 21.32 11.28
CA LYS A 196 -7.80 20.78 11.40
C LYS A 196 -7.26 20.23 10.09
N SER A 197 -5.93 20.24 9.98
CA SER A 197 -5.26 19.46 8.95
C SER A 197 -4.12 18.60 9.53
N ASP A 198 -4.46 17.63 10.36
CA ASP A 198 -3.46 16.84 11.04
C ASP A 198 -3.68 15.33 10.94
N GLY A 199 -4.68 14.87 10.20
CA GLY A 199 -4.85 13.42 10.07
C GLY A 199 -6.03 12.92 10.87
N THR A 200 -6.53 13.76 11.79
CA THR A 200 -7.78 13.43 12.52
C THR A 200 -9.03 13.95 11.79
N GLU A 201 -8.83 14.81 10.80
CA GLU A 201 -9.99 15.43 10.16
C GLU A 201 -10.45 14.57 9.01
N THR A 202 -11.71 14.71 8.65
CA THR A 202 -12.27 13.89 7.59
C THR A 202 -12.47 14.68 6.29
N SER A 203 -12.14 15.97 6.28
CA SER A 203 -12.49 16.81 5.13
C SER A 203 -11.95 16.31 3.80
N THR A 204 -12.81 16.32 2.79
CA THR A 204 -12.39 15.89 1.47
C THR A 204 -11.20 16.70 0.95
N ASN A 205 -10.33 16.07 0.17
CA ASN A 205 -9.16 16.75 -0.42
C ASN A 205 -9.34 17.04 -1.91
N LEU A 206 -9.61 18.31 -2.22
CA LEU A 206 -9.86 18.72 -3.61
C LEU A 206 -8.98 19.91 -4.02
N HIS A 207 -8.96 20.21 -5.34
CA HIS A 207 -8.18 21.35 -5.91
C HIS A 207 -6.68 21.30 -5.54
N GLN A 208 -6.09 20.12 -5.65
CA GLN A 208 -4.65 20.01 -5.46
C GLN A 208 -3.96 20.83 -6.54
N LYS A 209 -2.94 21.62 -6.16
CA LYS A 209 -2.22 22.44 -7.13
C LYS A 209 -0.75 21.98 -7.28
N LEU A 210 -0.13 22.33 -8.41
CA LEU A 210 1.31 22.10 -8.61
C LEU A 210 2.04 23.44 -8.46
N TYR A 211 2.99 23.47 -7.53
CA TYR A 211 3.83 24.63 -7.24
C TYR A 211 5.29 24.33 -7.46
N TYR A 212 6.06 25.40 -7.64
CA TYR A 212 7.49 25.34 -7.75
C TYR A 212 8.06 26.19 -6.63
N HIS A 213 8.89 25.57 -5.81
CA HIS A 213 9.54 26.27 -4.72
C HIS A 213 10.97 26.61 -5.09
N VAL A 214 11.27 27.91 -5.05
CA VAL A 214 12.64 28.33 -5.31
C VAL A 214 13.44 28.19 -4.00
N LEU A 215 14.53 27.41 -4.00
CA LEU A 215 15.33 27.25 -2.77
C LEU A 215 15.86 28.60 -2.26
N GLY A 216 15.72 28.80 -0.95
CA GLY A 216 16.14 30.02 -0.26
C GLY A 216 15.08 31.10 -0.21
N THR A 217 13.84 30.75 -0.55
CA THR A 217 12.72 31.71 -0.46
C THR A 217 11.65 31.17 0.52
N ASP A 218 10.71 32.01 0.91
CA ASP A 218 9.59 31.58 1.73
C ASP A 218 8.57 30.90 0.82
N GLN A 219 7.81 29.99 1.40
CA GLN A 219 6.79 29.26 0.62
C GLN A 219 5.74 30.19 -0.04
N SER A 220 5.47 31.34 0.58
CA SER A 220 4.49 32.32 0.05
C SER A 220 4.89 32.86 -1.31
N GLU A 221 6.18 32.72 -1.67
CA GLU A 221 6.67 33.18 -2.98
C GLU A 221 6.56 32.12 -4.08
N ASP A 222 6.08 30.93 -3.72
CA ASP A 222 6.09 29.76 -4.63
C ASP A 222 5.22 30.00 -5.85
N ILE A 223 5.65 29.47 -6.98
CA ILE A 223 4.99 29.73 -8.28
C ILE A 223 3.93 28.67 -8.55
N LEU A 224 2.73 29.09 -8.92
CA LEU A 224 1.68 28.19 -9.32
C LEU A 224 1.93 27.81 -10.79
N CYS A 225 2.16 26.51 -11.03
CA CYS A 225 2.55 26.03 -12.39
C CYS A 225 1.46 25.25 -13.13
N ALA A 226 0.50 24.73 -12.36
CA ALA A 226 -0.67 24.05 -12.90
C ALA A 226 -1.75 23.94 -11.85
N GLU A 227 -2.98 24.11 -12.31
CA GLU A 227 -4.18 23.98 -11.46
C GLU A 227 -5.38 23.61 -12.35
N PHE A 228 -6.37 22.94 -11.77
CA PHE A 228 -7.49 22.40 -12.56
C PHE A 228 -8.81 22.77 -11.85
N PRO A 229 -9.10 24.07 -11.77
CA PRO A 229 -10.21 24.46 -10.89
C PRO A 229 -11.61 24.04 -11.40
N ASP A 230 -11.73 23.67 -12.68
CA ASP A 230 -12.98 23.09 -13.20
C ASP A 230 -13.05 21.56 -12.99
N GLU A 231 -11.97 20.97 -12.47
CA GLU A 231 -11.89 19.52 -12.29
C GLU A 231 -11.24 19.27 -10.89
N PRO A 232 -12.02 19.45 -9.83
CA PRO A 232 -11.50 19.46 -8.45
C PRO A 232 -10.78 18.16 -8.01
N LYS A 233 -11.02 17.05 -8.73
CA LYS A 233 -10.40 15.76 -8.36
C LYS A 233 -9.12 15.44 -9.08
N TRP A 234 -8.78 16.26 -10.09
CA TRP A 234 -7.53 16.03 -10.84
C TRP A 234 -6.33 16.36 -9.96
N MET A 235 -5.27 15.55 -10.13
CA MET A 235 -4.00 15.70 -9.40
C MET A 235 -2.86 15.63 -10.38
N GLY A 236 -2.11 16.72 -10.51
CA GLY A 236 -1.02 16.80 -11.47
C GLY A 236 0.38 16.68 -10.84
N GLY A 237 1.06 15.55 -11.09
CA GLY A 237 2.40 15.28 -10.56
C GLY A 237 3.45 15.56 -11.64
N ALA A 238 4.53 16.23 -11.24
CA ALA A 238 5.60 16.62 -12.16
C ALA A 238 6.84 15.72 -12.02
N GLU A 239 7.51 15.46 -13.12
CA GLU A 239 8.84 14.88 -13.06
C GLU A 239 9.65 15.51 -14.18
N LEU A 240 10.96 15.62 -13.99
CA LEU A 240 11.80 16.09 -15.09
C LEU A 240 12.28 14.90 -15.95
N SER A 241 12.35 15.11 -17.26
CA SER A 241 13.01 14.17 -18.14
C SER A 241 14.48 13.99 -17.68
N ASP A 242 15.11 12.87 -18.10
CA ASP A 242 16.41 12.44 -17.63
C ASP A 242 17.52 13.44 -18.08
N ASP A 243 17.28 14.13 -19.18
CA ASP A 243 18.19 15.18 -19.69
C ASP A 243 17.85 16.58 -19.14
N GLY A 244 16.81 16.68 -18.31
CA GLY A 244 16.43 17.93 -17.64
C GLY A 244 15.65 18.95 -18.47
N ARG A 245 15.39 18.61 -19.73
CA ARG A 245 14.81 19.52 -20.67
C ARG A 245 13.32 19.73 -20.50
N TYR A 246 12.61 18.69 -20.08
CA TYR A 246 11.16 18.75 -20.06
C TYR A 246 10.63 18.44 -18.67
N VAL A 247 9.61 19.19 -18.25
CA VAL A 247 8.76 18.77 -17.15
C VAL A 247 7.62 17.95 -17.74
N LEU A 248 7.38 16.75 -17.19
CA LEU A 248 6.27 15.88 -17.63
C LEU A 248 5.23 15.95 -16.54
N LEU A 249 4.01 16.24 -16.92
CA LEU A 249 2.94 16.33 -15.96
C LEU A 249 2.01 15.13 -16.15
N SER A 250 1.88 14.28 -15.13
CA SER A 250 0.96 13.15 -15.18
C SER A 250 -0.23 13.50 -14.32
N ILE A 251 -1.39 13.58 -14.96
CA ILE A 251 -2.61 14.00 -14.26
C ILE A 251 -3.46 12.76 -14.04
N ARG A 252 -3.84 12.54 -12.78
CA ARG A 252 -4.65 11.38 -12.40
C ARG A 252 -5.96 11.92 -11.92
N GLU A 253 -7.00 11.10 -12.06
CA GLU A 253 -8.27 11.35 -11.42
C GLU A 253 -8.77 9.98 -10.96
N GLY A 254 -8.64 9.72 -9.66
CA GLY A 254 -8.93 8.40 -9.10
C GLY A 254 -7.72 7.48 -9.08
N CYS A 255 -7.98 6.21 -8.76
CA CYS A 255 -6.94 5.20 -8.60
C CYS A 255 -6.64 4.28 -9.79
N ASP A 256 -7.37 4.39 -10.91
CA ASP A 256 -7.07 3.56 -12.09
C ASP A 256 -5.69 3.80 -12.67
N PRO A 257 -5.06 2.77 -13.24
CA PRO A 257 -3.74 3.06 -13.79
C PRO A 257 -3.92 3.70 -15.18
N VAL A 258 -4.38 4.95 -15.18
CA VAL A 258 -4.46 5.81 -16.39
C VAL A 258 -4.03 7.24 -15.98
N ASN A 259 -3.58 8.04 -16.96
CA ASN A 259 -3.18 9.43 -16.70
C ASN A 259 -3.15 10.23 -17.98
N ARG A 260 -3.51 11.50 -17.89
CA ARG A 260 -3.12 12.45 -18.94
C ARG A 260 -1.62 12.65 -18.83
N LEU A 261 -1.01 12.99 -19.95
CA LEU A 261 0.40 13.33 -20.00
C LEU A 261 0.58 14.63 -20.78
N TRP A 262 0.92 15.68 -20.06
CA TRP A 262 1.31 16.90 -20.71
C TRP A 262 2.80 17.08 -20.49
N TYR A 263 3.41 17.86 -21.38
CA TYR A 263 4.81 18.26 -21.22
C TYR A 263 5.09 19.76 -21.41
N CYS A 264 6.22 20.22 -20.85
CA CYS A 264 6.68 21.57 -21.06
C CYS A 264 8.17 21.55 -21.32
N ASP A 265 8.59 22.00 -22.50
CA ASP A 265 9.99 22.13 -22.78
C ASP A 265 10.45 23.39 -22.03
N LEU A 266 11.27 23.20 -21.01
CA LEU A 266 11.65 24.33 -20.14
C LEU A 266 12.43 25.42 -20.87
N GLN A 267 13.15 25.02 -21.91
CA GLN A 267 13.94 25.93 -22.73
C GLN A 267 13.00 26.82 -23.59
N GLN A 268 11.75 26.39 -23.76
CA GLN A 268 10.76 27.23 -24.41
C GLN A 268 10.05 28.24 -23.51
N GLU A 269 10.32 28.23 -22.20
CA GLU A 269 9.72 29.22 -21.31
C GLU A 269 10.36 30.58 -21.58
N SER A 270 9.57 31.65 -21.64
CA SER A 270 10.10 32.94 -22.09
C SER A 270 11.20 33.46 -21.18
N ASN A 271 11.08 33.15 -19.88
CA ASN A 271 11.90 33.73 -18.83
C ASN A 271 11.97 32.79 -17.59
N GLY A 272 12.20 31.51 -17.81
CA GLY A 272 12.23 30.57 -16.72
C GLY A 272 10.85 30.31 -16.14
N ILE A 273 10.80 29.72 -14.95
CA ILE A 273 9.49 29.37 -14.38
C ILE A 273 8.88 30.56 -13.64
N THR A 274 7.90 31.22 -14.26
CA THR A 274 7.32 32.44 -13.69
C THR A 274 5.81 32.41 -13.43
N GLY A 275 5.12 31.43 -13.98
CA GLY A 275 3.69 31.28 -13.75
C GLY A 275 3.27 29.95 -14.33
N ILE A 276 2.01 29.88 -14.77
CA ILE A 276 1.49 28.64 -15.40
C ILE A 276 2.33 28.33 -16.64
N LEU A 277 2.82 27.10 -16.76
CA LEU A 277 3.81 26.79 -17.82
C LEU A 277 3.08 26.60 -19.18
N LYS A 278 3.84 26.68 -20.28
CA LYS A 278 3.27 26.46 -21.60
C LYS A 278 3.11 24.97 -21.87
N TRP A 279 2.16 24.34 -21.19
CA TRP A 279 1.92 22.90 -21.32
C TRP A 279 1.50 22.50 -22.72
N VAL A 280 2.03 21.37 -23.19
CA VAL A 280 1.63 20.78 -24.46
C VAL A 280 0.90 19.51 -24.11
N LYS A 281 -0.34 19.38 -24.53
CA LYS A 281 -1.18 18.31 -24.00
C LYS A 281 -1.07 17.10 -24.92
N LEU A 282 0.07 16.42 -24.82
CA LEU A 282 0.40 15.28 -25.69
C LEU A 282 -0.71 14.22 -25.62
N ILE A 283 -1.04 13.79 -24.40
CA ILE A 283 -2.13 12.83 -24.18
C ILE A 283 -3.14 13.55 -23.29
N ASP A 284 -4.30 13.88 -23.84
CA ASP A 284 -5.24 14.67 -23.07
C ASP A 284 -6.54 13.92 -22.77
N ASN A 285 -6.42 12.66 -22.32
CA ASN A 285 -7.60 11.90 -21.91
C ASN A 285 -7.16 10.91 -20.86
N PHE A 286 -8.10 10.14 -20.30
CA PHE A 286 -7.77 9.17 -19.27
C PHE A 286 -7.93 7.74 -19.76
N GLU A 287 -7.57 7.47 -21.03
CA GLU A 287 -7.81 6.15 -21.61
C GLU A 287 -6.63 5.19 -21.40
N GLY A 288 -5.46 5.72 -21.05
CA GLY A 288 -4.28 4.85 -20.88
C GLY A 288 -3.31 5.35 -19.84
N GLU A 289 -2.43 4.47 -19.36
CA GLU A 289 -1.33 4.90 -18.50
C GLU A 289 -0.08 5.22 -19.35
N TYR A 290 0.64 6.26 -18.98
CA TYR A 290 1.90 6.60 -19.69
C TYR A 290 2.88 6.93 -18.63
N ASP A 291 3.79 5.99 -18.39
CA ASP A 291 4.71 6.09 -17.30
C ASP A 291 6.09 6.28 -17.90
N TYR A 292 6.64 7.46 -17.66
CA TYR A 292 7.93 7.83 -18.26
C TYR A 292 9.07 6.90 -17.85
N VAL A 293 9.82 6.44 -18.85
CA VAL A 293 10.99 5.60 -18.65
C VAL A 293 12.29 6.38 -18.91
N THR A 294 12.38 6.96 -20.13
CA THR A 294 13.51 7.76 -20.53
C THR A 294 13.19 8.44 -21.86
N ASN A 295 14.09 9.33 -22.31
CA ASN A 295 13.96 9.92 -23.63
C ASN A 295 15.34 10.08 -24.25
N GLU A 296 15.36 10.15 -25.58
CA GLU A 296 16.58 10.45 -26.33
C GLU A 296 16.14 11.51 -27.29
N GLY A 297 16.49 12.76 -26.98
CA GLY A 297 15.96 13.90 -27.72
C GLY A 297 14.45 13.90 -27.56
N THR A 298 13.72 14.04 -28.67
CA THR A 298 12.27 14.10 -28.60
C THR A 298 11.59 12.71 -28.60
N VAL A 299 12.37 11.63 -28.60
CA VAL A 299 11.82 10.26 -28.51
C VAL A 299 11.71 9.78 -27.07
N PHE A 300 10.47 9.77 -26.60
CA PHE A 300 10.12 9.38 -25.26
C PHE A 300 9.65 7.94 -25.16
N THR A 301 10.29 7.15 -24.30
CA THR A 301 9.89 5.78 -24.02
C THR A 301 8.99 5.76 -22.79
N PHE A 302 7.80 5.19 -22.93
CA PHE A 302 6.86 5.08 -21.82
C PHE A 302 6.45 3.63 -21.66
N LYS A 303 6.20 3.21 -20.42
CA LYS A 303 5.45 2.00 -20.16
C LYS A 303 3.95 2.35 -20.21
N THR A 304 3.17 1.53 -20.90
CA THR A 304 1.75 1.87 -21.10
C THR A 304 0.92 0.64 -21.02
N ASN A 305 -0.36 0.81 -20.69
CA ASN A 305 -1.32 -0.27 -20.85
C ASN A 305 -2.30 0.01 -21.99
N ARG A 306 -2.00 1.03 -22.78
CA ARG A 306 -2.85 1.36 -23.94
C ARG A 306 -2.86 0.16 -24.92
N HIS A 307 -4.04 -0.43 -25.13
CA HIS A 307 -4.24 -1.69 -25.91
C HIS A 307 -3.44 -2.88 -25.38
N SER A 308 -2.99 -2.80 -24.13
CA SER A 308 -2.09 -3.83 -23.63
C SER A 308 -2.29 -4.02 -22.12
N PRO A 309 -3.27 -4.85 -21.77
CA PRO A 309 -3.61 -5.07 -20.36
C PRO A 309 -2.44 -5.62 -19.53
N ASN A 310 -1.50 -6.29 -20.18
CA ASN A 310 -0.29 -6.79 -19.50
C ASN A 310 0.92 -5.83 -19.56
N TYR A 311 0.70 -4.65 -20.14
CA TYR A 311 1.67 -3.55 -20.28
C TYR A 311 2.70 -3.83 -21.34
N ARG A 312 3.21 -2.76 -21.93
CA ARG A 312 4.26 -2.86 -22.93
C ARG A 312 5.04 -1.53 -22.95
N LEU A 313 6.17 -1.50 -23.67
CA LEU A 313 6.88 -0.24 -23.83
C LEU A 313 6.72 0.34 -25.24
N ILE A 314 6.39 1.62 -25.32
CA ILE A 314 6.28 2.30 -26.59
C ILE A 314 7.20 3.56 -26.65
N ASN A 315 7.55 3.97 -27.84
CA ASN A 315 8.23 5.23 -28.03
C ASN A 315 7.30 6.15 -28.77
N ILE A 316 7.06 7.29 -28.14
CA ILE A 316 6.35 8.43 -28.73
C ILE A 316 7.35 9.56 -29.02
N ASP A 317 7.41 9.98 -30.28
CA ASP A 317 8.21 11.12 -30.68
C ASP A 317 7.32 12.38 -30.57
N PHE A 318 7.74 13.33 -29.74
CA PHE A 318 7.00 14.58 -29.53
C PHE A 318 6.78 15.34 -30.83
N THR A 319 7.71 15.18 -31.78
CA THR A 319 7.63 15.85 -33.07
C THR A 319 6.90 15.06 -34.14
N ASP A 320 6.34 13.90 -33.77
CA ASP A 320 5.48 13.09 -34.67
C ASP A 320 4.50 12.31 -33.78
N PRO A 321 3.64 13.04 -33.06
CA PRO A 321 2.97 12.51 -31.89
C PRO A 321 1.74 11.64 -32.11
N GLU A 322 1.24 11.49 -33.34
CA GLU A 322 0.00 10.71 -33.55
C GLU A 322 0.19 9.25 -33.19
N GLU A 323 -0.83 8.64 -32.60
CA GLU A 323 -0.71 7.24 -32.13
C GLU A 323 -0.30 6.25 -33.24
N SER A 324 -0.79 6.50 -34.46
CA SER A 324 -0.41 5.69 -35.61
C SER A 324 1.11 5.64 -35.82
N LYS A 325 1.80 6.63 -35.27
CA LYS A 325 3.25 6.74 -35.52
C LYS A 325 4.12 6.21 -34.39
N TRP A 326 3.51 5.88 -33.25
CA TRP A 326 4.25 5.32 -32.10
C TRP A 326 4.91 4.02 -32.46
N LYS A 327 6.10 3.78 -31.93
CA LYS A 327 6.79 2.54 -32.17
C LYS A 327 6.67 1.65 -30.94
N VAL A 328 6.40 0.38 -31.15
CA VAL A 328 6.32 -0.54 -30.03
C VAL A 328 7.74 -1.10 -29.80
N LEU A 329 8.31 -0.73 -28.67
CA LEU A 329 9.74 -1.03 -28.40
C LEU A 329 9.85 -2.42 -27.77
N VAL A 330 9.01 -2.68 -26.78
CA VAL A 330 8.89 -4.01 -26.16
C VAL A 330 7.40 -4.38 -26.14
N PRO A 331 6.97 -5.25 -27.08
CA PRO A 331 5.55 -5.63 -27.15
C PRO A 331 5.05 -6.29 -25.88
N GLU A 332 3.74 -6.28 -25.73
CA GLU A 332 3.04 -6.91 -24.59
C GLU A 332 3.26 -8.40 -24.64
N HIS A 333 3.50 -9.02 -23.48
CA HIS A 333 3.53 -10.46 -23.33
C HIS A 333 2.10 -10.96 -23.22
N GLU A 334 1.87 -12.17 -23.74
CA GLU A 334 0.59 -12.82 -23.66
C GLU A 334 0.05 -13.04 -22.23
N LYS A 335 0.94 -13.26 -21.26
CA LYS A 335 0.51 -13.53 -19.88
C LYS A 335 1.28 -12.78 -18.81
N ASP A 336 2.57 -12.56 -19.04
CA ASP A 336 3.41 -11.92 -18.04
C ASP A 336 3.20 -10.39 -17.99
N VAL A 337 2.99 -9.89 -16.79
CA VAL A 337 2.76 -8.46 -16.57
C VAL A 337 4.10 -7.76 -16.46
N LEU A 338 4.29 -6.72 -17.28
CA LEU A 338 5.44 -5.88 -17.15
C LEU A 338 5.18 -4.91 -15.99
N GLU A 339 5.84 -5.16 -14.86
CA GLU A 339 5.48 -4.49 -13.61
C GLU A 339 6.06 -3.09 -13.54
N TRP A 340 7.35 -2.98 -13.86
CA TRP A 340 8.00 -1.66 -13.89
C TRP A 340 9.24 -1.75 -14.73
N VAL A 341 9.74 -0.58 -15.13
CA VAL A 341 10.88 -0.51 -16.06
C VAL A 341 11.74 0.70 -15.66
N ALA A 342 13.05 0.53 -15.67
CA ALA A 342 14.00 1.64 -15.38
C ALA A 342 14.99 1.74 -16.52
N CYS A 343 15.54 2.95 -16.75
CA CYS A 343 16.66 3.12 -17.69
C CYS A 343 17.98 3.36 -16.90
N VAL A 344 19.04 2.65 -17.27
CA VAL A 344 20.31 2.72 -16.54
C VAL A 344 21.46 2.66 -17.51
N ARG A 345 22.58 3.27 -17.09
CA ARG A 345 23.79 3.33 -17.92
C ARG A 345 23.55 3.73 -19.38
N SER A 346 22.75 4.78 -19.56
CA SER A 346 22.42 5.41 -20.83
C SER A 346 21.48 4.62 -21.71
N ASN A 347 21.83 3.37 -22.02
CA ASN A 347 21.13 2.64 -23.09
C ASN A 347 20.73 1.22 -22.71
N PHE A 348 20.61 0.97 -21.40
CA PHE A 348 20.00 -0.27 -20.91
C PHE A 348 18.62 0.01 -20.34
N LEU A 349 17.76 -0.99 -20.40
CA LEU A 349 16.52 -0.94 -19.66
C LEU A 349 16.48 -2.12 -18.74
N VAL A 350 15.95 -1.92 -17.54
CA VAL A 350 15.81 -3.03 -16.62
C VAL A 350 14.30 -3.25 -16.57
N LEU A 351 13.85 -4.47 -16.87
CA LEU A 351 12.42 -4.74 -16.86
C LEU A 351 12.08 -5.80 -15.84
N CYS A 352 11.06 -5.55 -15.04
CA CYS A 352 10.69 -6.51 -14.04
C CYS A 352 9.33 -7.09 -14.42
N TYR A 353 9.28 -8.39 -14.72
CA TYR A 353 7.98 -9.03 -15.01
C TYR A 353 7.39 -9.80 -13.84
N LEU A 354 6.06 -9.95 -13.84
CA LEU A 354 5.37 -10.88 -12.94
C LEU A 354 4.84 -12.07 -13.73
N HIS A 355 5.35 -13.26 -13.43
CA HIS A 355 4.93 -14.50 -14.11
C HIS A 355 4.34 -15.42 -13.05
N ASP A 356 3.05 -15.75 -13.17
CA ASP A 356 2.39 -16.47 -12.08
C ASP A 356 2.79 -16.01 -10.66
N VAL A 357 2.76 -14.68 -10.49
CA VAL A 357 2.90 -14.05 -9.20
C VAL A 357 4.33 -14.19 -8.64
N LYS A 358 5.33 -14.35 -9.50
CA LYS A 358 6.76 -14.38 -9.09
C LYS A 358 7.46 -13.43 -10.05
N ASN A 359 8.48 -12.71 -9.58
CA ASN A 359 9.20 -11.76 -10.44
C ASN A 359 10.33 -12.41 -11.24
N THR A 360 10.60 -11.85 -12.41
CA THR A 360 11.84 -12.13 -13.13
C THR A 360 12.40 -10.75 -13.50
N LEU A 361 13.72 -10.61 -13.52
CA LEU A 361 14.33 -9.31 -13.74
C LEU A 361 15.27 -9.42 -14.93
N GLN A 362 15.07 -8.55 -15.91
CA GLN A 362 15.74 -8.67 -17.23
C GLN A 362 16.40 -7.36 -17.62
N LEU A 363 17.53 -7.45 -18.32
CA LEU A 363 18.17 -6.29 -18.94
C LEU A 363 17.92 -6.29 -20.44
N HIS A 364 17.48 -5.15 -20.97
CA HIS A 364 17.21 -4.99 -22.41
C HIS A 364 17.99 -3.82 -23.01
N ASP A 365 18.19 -3.89 -24.32
CA ASP A 365 18.74 -2.80 -25.13
C ASP A 365 17.73 -1.68 -25.33
N LEU A 366 18.13 -0.42 -25.08
CA LEU A 366 17.17 0.68 -25.23
C LEU A 366 16.81 0.86 -26.71
N ALA A 367 17.79 0.76 -27.59
CA ALA A 367 17.59 1.02 -29.00
C ALA A 367 16.61 0.06 -29.68
N THR A 368 16.66 -1.22 -29.33
CA THR A 368 15.82 -2.19 -30.05
C THR A 368 14.78 -2.87 -29.18
N GLY A 369 14.95 -2.78 -27.86
CA GLY A 369 14.10 -3.54 -26.95
C GLY A 369 14.56 -4.96 -26.75
N ALA A 370 15.66 -5.38 -27.41
CA ALA A 370 16.10 -6.79 -27.31
C ALA A 370 16.54 -7.22 -25.91
N LEU A 371 16.11 -8.41 -25.50
CA LEU A 371 16.59 -9.02 -24.25
C LEU A 371 18.11 -9.26 -24.31
N LEU A 372 18.81 -8.90 -23.24
CA LEU A 372 20.27 -9.08 -23.18
C LEU A 372 20.71 -10.04 -22.09
N LYS A 373 20.02 -10.00 -20.97
CA LYS A 373 20.48 -10.69 -19.77
C LYS A 373 19.29 -10.94 -18.85
N ILE A 374 19.20 -12.17 -18.39
CA ILE A 374 18.29 -12.49 -17.29
C ILE A 374 19.05 -12.52 -15.95
N PHE A 375 18.63 -11.69 -15.00
CA PHE A 375 19.26 -11.69 -13.67
C PHE A 375 18.75 -12.86 -12.84
N PRO A 376 19.63 -13.77 -12.44
CA PRO A 376 19.13 -15.00 -11.77
C PRO A 376 18.49 -14.69 -10.40
N LEU A 377 17.31 -15.21 -10.18
CA LEU A 377 16.64 -15.01 -8.91
C LEU A 377 16.07 -16.34 -8.49
N GLU A 378 15.90 -16.52 -7.18
CA GLU A 378 15.03 -17.57 -6.65
C GLU A 378 13.56 -17.14 -6.86
N VAL A 379 12.60 -17.98 -6.45
CA VAL A 379 11.20 -17.61 -6.55
C VAL A 379 10.72 -16.68 -5.43
N GLY A 380 10.24 -15.50 -5.81
CA GLY A 380 9.78 -14.49 -4.85
C GLY A 380 9.63 -13.14 -5.52
N SER A 381 9.95 -12.06 -4.80
CA SER A 381 9.66 -10.71 -5.26
C SER A 381 10.90 -9.86 -5.32
N VAL A 382 10.95 -8.96 -6.32
CA VAL A 382 11.85 -7.80 -6.31
C VAL A 382 11.14 -6.63 -5.61
N VAL A 383 11.70 -6.19 -4.48
CA VAL A 383 11.06 -5.14 -3.69
C VAL A 383 11.82 -3.83 -3.59
N GLY A 384 12.94 -3.71 -4.29
CA GLY A 384 13.74 -2.50 -4.25
C GLY A 384 14.72 -2.51 -5.41
N TYR A 385 15.11 -1.34 -5.85
CA TYR A 385 15.95 -1.22 -7.04
C TYR A 385 16.57 0.15 -7.06
N SER A 386 17.82 0.23 -7.52
CA SER A 386 18.40 1.52 -7.86
C SER A 386 19.21 1.41 -9.14
N GLY A 387 19.24 2.49 -9.91
CA GLY A 387 20.07 2.58 -11.11
C GLY A 387 19.34 3.49 -12.08
N GLN A 388 19.76 4.74 -12.13
CA GLN A 388 19.14 5.66 -13.09
C GLN A 388 20.05 5.93 -14.29
N LYS A 389 19.58 6.75 -15.23
CA LYS A 389 20.20 6.85 -16.56
C LYS A 389 21.70 7.07 -16.52
N LYS A 390 22.10 8.01 -15.67
CA LYS A 390 23.52 8.39 -15.52
C LYS A 390 24.38 7.39 -14.73
N ASP A 391 23.73 6.46 -14.02
CA ASP A 391 24.45 5.50 -13.17
C ASP A 391 25.03 4.36 -14.00
N THR A 392 26.06 3.69 -13.49
CA THR A 392 26.67 2.60 -14.26
C THR A 392 26.61 1.24 -13.57
N GLU A 393 25.66 1.10 -12.65
CA GLU A 393 25.48 -0.10 -11.82
C GLU A 393 24.06 -0.15 -11.31
N ILE A 394 23.62 -1.33 -10.95
CA ILE A 394 22.31 -1.47 -10.31
C ILE A 394 22.44 -2.20 -9.01
N PHE A 395 21.49 -1.91 -8.12
CA PHE A 395 21.25 -2.77 -6.99
C PHE A 395 19.82 -3.20 -7.06
N TYR A 396 19.53 -4.41 -6.58
CA TYR A 396 18.13 -4.81 -6.46
C TYR A 396 17.94 -5.73 -5.29
N GLN A 397 16.77 -5.64 -4.67
CA GLN A 397 16.50 -6.39 -3.47
C GLN A 397 15.42 -7.44 -3.68
N PHE A 398 15.72 -8.68 -3.26
CA PHE A 398 14.84 -9.81 -3.45
C PHE A 398 14.35 -10.26 -2.10
N THR A 399 13.09 -10.72 -2.05
CA THR A 399 12.49 -11.26 -0.84
C THR A 399 11.51 -12.42 -1.16
N SER A 400 11.18 -13.22 -0.17
CA SER A 400 10.30 -14.39 -0.36
C SER A 400 9.69 -14.68 1.00
N PHE A 401 8.74 -15.61 1.04
CA PHE A 401 8.05 -15.95 2.28
C PHE A 401 9.01 -16.48 3.34
N LEU A 402 10.09 -17.12 2.92
CA LEU A 402 10.96 -17.86 3.84
C LEU A 402 12.35 -17.21 4.05
N SER A 403 12.69 -16.26 3.20
CA SER A 403 13.98 -15.56 3.27
C SER A 403 13.79 -14.05 3.47
N PRO A 404 14.46 -13.45 4.47
CA PRO A 404 14.43 -11.97 4.70
C PRO A 404 14.99 -11.25 3.48
N GLY A 405 15.83 -11.97 2.75
CA GLY A 405 16.16 -11.51 1.44
C GLY A 405 17.56 -11.02 1.34
N ILE A 406 17.85 -10.51 0.14
CA ILE A 406 19.17 -10.32 -0.35
C ILE A 406 19.18 -9.08 -1.23
N ILE A 407 20.19 -8.24 -1.05
CA ILE A 407 20.45 -7.15 -1.99
C ILE A 407 21.58 -7.62 -2.89
N TYR A 408 21.37 -7.52 -4.20
CA TYR A 408 22.37 -7.86 -5.21
C TYR A 408 22.94 -6.59 -5.80
N HIS A 409 24.11 -6.70 -6.42
CA HIS A 409 24.75 -5.54 -7.04
C HIS A 409 25.28 -6.05 -8.38
N CYS A 410 25.15 -5.24 -9.45
CA CYS A 410 25.76 -5.62 -10.73
C CYS A 410 26.42 -4.36 -11.35
N ASP A 411 27.71 -4.46 -11.62
CA ASP A 411 28.48 -3.44 -12.31
C ASP A 411 28.18 -3.51 -13.83
N LEU A 412 27.44 -2.53 -14.33
CA LEU A 412 27.06 -2.57 -15.72
C LEU A 412 28.13 -2.08 -16.71
N THR A 413 29.31 -1.71 -16.23
CA THR A 413 30.39 -1.28 -17.14
C THR A 413 31.16 -2.50 -17.66
N LYS A 414 30.88 -3.66 -17.08
CA LYS A 414 31.58 -4.90 -17.41
C LYS A 414 31.04 -5.55 -18.67
N GLU A 415 31.93 -6.05 -19.52
CA GLU A 415 31.52 -6.68 -20.77
C GLU A 415 30.69 -7.89 -20.44
N GLU A 416 31.14 -8.65 -19.44
CA GLU A 416 30.41 -9.82 -18.98
C GLU A 416 29.83 -9.49 -17.62
N LEU A 417 28.49 -9.50 -17.54
CA LEU A 417 27.81 -9.11 -16.31
C LEU A 417 27.93 -10.19 -15.24
N GLU A 418 28.36 -9.80 -14.04
CA GLU A 418 28.47 -10.72 -12.91
C GLU A 418 27.72 -10.14 -11.69
N PRO A 419 26.39 -10.36 -11.61
CA PRO A 419 25.72 -9.91 -10.39
C PRO A 419 26.24 -10.69 -9.17
N ARG A 420 26.30 -10.03 -8.02
CA ARG A 420 26.77 -10.65 -6.78
C ARG A 420 25.91 -10.26 -5.59
N VAL A 421 25.85 -11.14 -4.59
CA VAL A 421 25.26 -10.75 -3.31
C VAL A 421 26.03 -9.57 -2.74
N PHE A 422 25.33 -8.51 -2.38
CA PHE A 422 25.95 -7.35 -1.79
C PHE A 422 25.64 -7.29 -0.28
N ARG A 423 24.39 -7.60 0.09
CA ARG A 423 24.01 -7.73 1.52
C ARG A 423 23.03 -8.87 1.68
N GLU A 424 23.20 -9.64 2.73
CA GLU A 424 22.35 -10.78 3.04
C GLU A 424 22.19 -10.83 4.57
N VAL A 425 21.01 -11.21 5.03
CA VAL A 425 20.79 -11.35 6.48
C VAL A 425 20.00 -12.61 6.73
N THR A 426 20.46 -13.39 7.70
CA THR A 426 19.70 -14.58 8.17
C THR A 426 19.02 -14.37 9.52
N VAL A 427 17.76 -14.82 9.61
CA VAL A 427 17.00 -14.83 10.89
C VAL A 427 17.07 -16.20 11.58
N LYS A 428 18.07 -16.34 12.46
CA LYS A 428 18.23 -17.52 13.28
C LYS A 428 17.05 -17.62 14.23
N GLY A 429 16.52 -18.83 14.38
CA GLY A 429 15.27 -19.05 15.10
C GLY A 429 14.20 -19.59 14.18
N ILE A 430 14.21 -19.13 12.92
CA ILE A 430 13.39 -19.77 11.89
C ILE A 430 14.29 -20.38 10.81
N ASP A 431 14.33 -21.70 10.80
CA ASP A 431 15.01 -22.53 9.81
C ASP A 431 14.13 -22.69 8.55
N ALA A 432 14.41 -21.93 7.50
CA ALA A 432 13.62 -21.99 6.26
C ALA A 432 13.40 -23.43 5.74
N SER A 433 14.40 -24.29 5.90
CA SER A 433 14.32 -25.67 5.39
C SER A 433 13.31 -26.57 6.10
N ASP A 434 12.77 -26.13 7.23
CA ASP A 434 11.68 -26.88 7.91
C ASP A 434 10.33 -26.62 7.25
N TYR A 435 10.29 -25.62 6.36
CA TYR A 435 9.01 -25.18 5.77
C TYR A 435 9.03 -25.32 4.26
N GLN A 436 7.83 -25.30 3.67
CA GLN A 436 7.72 -25.13 2.23
C GLN A 436 6.61 -24.15 1.80
N THR A 437 6.81 -23.58 0.60
CA THR A 437 5.84 -22.72 -0.04
C THR A 437 5.31 -23.42 -1.29
N VAL A 438 4.01 -23.62 -1.39
CA VAL A 438 3.50 -24.20 -2.63
C VAL A 438 2.58 -23.18 -3.28
N GLN A 439 2.45 -23.27 -4.60
CA GLN A 439 1.46 -22.45 -5.28
C GLN A 439 0.48 -23.37 -5.92
N ILE A 440 -0.80 -23.12 -5.66
CA ILE A 440 -1.85 -23.89 -6.32
C ILE A 440 -2.80 -22.95 -7.05
N PHE A 441 -3.63 -23.49 -7.94
CA PHE A 441 -4.65 -22.67 -8.60
C PHE A 441 -6.00 -23.33 -8.37
N TYR A 442 -6.88 -22.62 -7.68
CA TYR A 442 -8.16 -23.22 -7.34
C TYR A 442 -9.28 -22.62 -8.21
N PRO A 443 -10.33 -23.40 -8.49
CA PRO A 443 -11.35 -22.76 -9.32
C PRO A 443 -12.31 -21.95 -8.42
N SER A 444 -12.62 -20.72 -8.86
CA SER A 444 -13.66 -19.91 -8.21
C SER A 444 -15.05 -20.34 -8.67
N LYS A 445 -16.05 -19.68 -8.14
CA LYS A 445 -17.47 -19.95 -8.43
C LYS A 445 -17.73 -20.02 -9.93
N ASP A 446 -17.23 -19.05 -10.68
CA ASP A 446 -17.49 -19.01 -12.12
C ASP A 446 -16.49 -19.86 -12.92
N GLY A 447 -15.60 -20.62 -12.26
CA GLY A 447 -14.66 -21.50 -12.98
C GLY A 447 -13.29 -20.87 -13.21
N THR A 448 -13.16 -19.58 -12.93
CA THR A 448 -11.85 -18.92 -13.10
C THR A 448 -10.84 -19.53 -12.11
N LYS A 449 -9.66 -19.85 -12.60
CA LYS A 449 -8.60 -20.40 -11.77
C LYS A 449 -7.85 -19.27 -11.05
N ILE A 450 -7.77 -19.34 -9.72
CA ILE A 450 -7.15 -18.28 -8.91
C ILE A 450 -5.88 -18.83 -8.26
N PRO A 451 -4.74 -18.09 -8.33
CA PRO A 451 -3.54 -18.55 -7.64
C PRO A 451 -3.64 -18.39 -6.14
N MET A 452 -3.00 -19.30 -5.43
CA MET A 452 -2.86 -19.18 -3.99
C MET A 452 -1.54 -19.76 -3.54
N PHE A 453 -0.82 -19.00 -2.72
CA PHE A 453 0.37 -19.49 -2.06
C PHE A 453 -0.02 -20.09 -0.73
N ILE A 454 0.55 -21.25 -0.42
CA ILE A 454 0.41 -21.86 0.91
C ILE A 454 1.77 -22.15 1.49
N VAL A 455 1.96 -21.72 2.75
CA VAL A 455 3.26 -21.90 3.43
C VAL A 455 3.00 -22.69 4.71
N HIS A 456 3.73 -23.80 4.90
CA HIS A 456 3.46 -24.68 6.04
C HIS A 456 4.72 -25.49 6.39
N LYS A 457 4.74 -26.05 7.59
CA LYS A 457 5.79 -26.98 8.00
C LYS A 457 5.75 -28.23 7.11
N LYS A 458 6.93 -28.69 6.67
CA LYS A 458 7.03 -29.89 5.84
C LYS A 458 6.51 -31.10 6.61
N GLY A 459 5.83 -32.01 5.93
CA GLY A 459 5.45 -33.29 6.52
C GLY A 459 4.10 -33.31 7.20
N ILE A 460 3.40 -32.18 7.27
CA ILE A 460 2.11 -32.19 7.99
C ILE A 460 1.09 -33.06 7.28
N LYS A 461 0.19 -33.65 8.08
CA LYS A 461 -0.92 -34.43 7.59
C LYS A 461 -2.03 -33.46 7.30
N LEU A 462 -2.61 -33.58 6.11
CA LEU A 462 -3.73 -32.74 5.74
C LEU A 462 -5.03 -33.34 6.28
N ASP A 463 -5.15 -33.35 7.61
CA ASP A 463 -6.31 -33.91 8.30
C ASP A 463 -7.28 -32.82 8.84
N GLY A 464 -7.15 -31.58 8.38
CA GLY A 464 -8.05 -30.50 8.80
C GLY A 464 -7.82 -29.90 10.17
N SER A 465 -6.77 -30.35 10.86
CA SER A 465 -6.57 -29.99 12.27
C SER A 465 -5.80 -28.67 12.55
N HIS A 466 -5.16 -28.10 11.53
CA HIS A 466 -4.25 -26.94 11.72
C HIS A 466 -4.96 -25.62 11.68
N PRO A 467 -4.58 -24.69 12.57
CA PRO A 467 -5.15 -23.38 12.40
C PRO A 467 -4.53 -22.74 11.15
N ALA A 468 -5.28 -21.91 10.46
CA ALA A 468 -4.77 -21.30 9.22
C ALA A 468 -5.03 -19.80 9.25
N PHE A 469 -4.18 -19.07 8.54
CA PHE A 469 -4.24 -17.61 8.45
C PHE A 469 -4.25 -17.31 6.96
N LEU A 470 -5.40 -16.89 6.45
CA LEU A 470 -5.60 -16.67 5.00
C LEU A 470 -5.72 -15.18 4.75
N TYR A 471 -4.82 -14.64 3.92
CA TYR A 471 -4.77 -13.21 3.66
C TYR A 471 -5.21 -12.90 2.23
N GLY A 472 -5.91 -11.79 2.04
CA GLY A 472 -6.32 -11.35 0.69
C GLY A 472 -6.35 -9.83 0.68
N TYR A 473 -6.24 -9.23 -0.50
CA TYR A 473 -6.56 -7.80 -0.68
C TYR A 473 -7.62 -7.66 -1.77
N GLY A 474 -7.24 -7.81 -3.03
CA GLY A 474 -8.22 -7.94 -4.13
C GLY A 474 -8.71 -6.58 -4.61
N GLY A 475 -7.80 -5.76 -5.17
CA GLY A 475 -8.27 -4.43 -5.60
C GLY A 475 -7.15 -3.54 -6.10
N PHE A 476 -7.51 -2.46 -6.80
CA PHE A 476 -6.62 -1.33 -7.08
C PHE A 476 -5.40 -1.73 -7.89
N ASN A 477 -5.52 -2.83 -8.62
CA ASN A 477 -4.42 -3.28 -9.51
C ASN A 477 -3.13 -3.57 -8.70
N ILE A 478 -3.31 -3.96 -7.44
CA ILE A 478 -2.17 -4.29 -6.61
C ILE A 478 -1.96 -5.78 -6.62
N SER A 479 -0.73 -6.19 -6.90
CA SER A 479 -0.39 -7.63 -6.81
C SER A 479 0.16 -7.99 -5.45
N ILE A 480 -0.37 -9.09 -4.91
CA ILE A 480 0.05 -9.59 -3.62
C ILE A 480 1.09 -10.69 -3.79
N THR A 481 2.36 -10.31 -3.68
CA THR A 481 3.47 -11.17 -4.07
C THR A 481 4.26 -11.63 -2.83
N PRO A 482 5.12 -12.66 -2.98
CA PRO A 482 5.80 -13.19 -1.79
C PRO A 482 6.65 -12.13 -1.10
N ASN A 483 6.63 -12.17 0.23
CA ASN A 483 7.39 -11.24 1.06
C ASN A 483 7.63 -11.90 2.41
N TYR A 484 8.70 -11.47 3.07
CA TYR A 484 9.10 -12.05 4.35
C TYR A 484 8.37 -11.40 5.52
N SER A 485 7.60 -12.20 6.24
CA SER A 485 6.87 -11.71 7.41
C SER A 485 7.18 -12.60 8.60
N VAL A 486 7.98 -12.07 9.51
CA VAL A 486 8.38 -12.78 10.71
C VAL A 486 7.16 -13.09 11.57
N SER A 487 6.23 -12.12 11.65
CA SER A 487 5.04 -12.26 12.45
C SER A 487 4.18 -13.43 11.97
N ARG A 488 4.06 -13.61 10.65
CA ARG A 488 3.31 -14.76 10.11
C ARG A 488 4.08 -16.08 10.31
N LEU A 489 5.41 -16.06 10.16
CA LEU A 489 6.22 -17.27 10.45
C LEU A 489 6.19 -17.68 11.93
N ILE A 490 6.05 -16.73 12.85
CA ILE A 490 5.82 -17.10 14.25
C ILE A 490 4.49 -17.88 14.39
N PHE A 491 3.47 -17.48 13.63
CA PHE A 491 2.19 -18.18 13.69
C PHE A 491 2.39 -19.63 13.21
N VAL A 492 3.16 -19.78 12.13
CA VAL A 492 3.47 -21.11 11.61
C VAL A 492 4.30 -21.90 12.63
N ARG A 493 5.41 -21.34 13.07
CA ARG A 493 6.35 -22.08 13.95
C ARG A 493 5.86 -22.30 15.38
N HIS A 494 5.26 -21.26 15.97
CA HIS A 494 4.94 -21.30 17.42
C HIS A 494 3.47 -21.45 17.72
N MET A 495 2.65 -21.35 16.68
CA MET A 495 1.24 -21.66 16.84
C MET A 495 0.75 -22.84 15.98
N GLY A 496 1.69 -23.51 15.29
CA GLY A 496 1.43 -24.69 14.45
C GLY A 496 0.53 -24.37 13.26
N GLY A 497 0.61 -23.13 12.78
CA GLY A 497 -0.30 -22.63 11.73
C GLY A 497 0.10 -22.88 10.29
N VAL A 498 -0.88 -22.69 9.39
CA VAL A 498 -0.69 -22.69 7.92
C VAL A 498 -0.99 -21.28 7.43
N LEU A 499 -0.07 -20.73 6.65
CA LEU A 499 -0.27 -19.41 6.03
C LEU A 499 -0.79 -19.61 4.58
N ALA A 500 -1.71 -18.74 4.18
CA ALA A 500 -2.23 -18.78 2.82
C ALA A 500 -2.45 -17.34 2.33
N VAL A 501 -2.13 -17.11 1.07
CA VAL A 501 -2.35 -15.81 0.42
C VAL A 501 -3.04 -16.07 -0.90
N ALA A 502 -4.27 -15.57 -1.08
CA ALA A 502 -5.09 -15.84 -2.27
C ALA A 502 -4.99 -14.66 -3.21
N ASN A 503 -4.53 -14.88 -4.45
CA ASN A 503 -4.38 -13.80 -5.48
C ASN A 503 -5.68 -13.51 -6.23
N ILE A 504 -6.67 -13.10 -5.45
CA ILE A 504 -8.04 -12.92 -5.98
C ILE A 504 -8.12 -11.75 -6.96
N ARG A 505 -9.19 -11.76 -7.76
CA ARG A 505 -9.46 -10.73 -8.76
C ARG A 505 -9.61 -9.36 -8.10
N GLY A 506 -9.41 -8.31 -8.90
CA GLY A 506 -9.23 -6.95 -8.41
C GLY A 506 -7.76 -6.58 -8.31
N GLY A 507 -6.89 -7.57 -8.13
CA GLY A 507 -5.45 -7.36 -8.09
C GLY A 507 -4.85 -7.19 -9.49
N GLY A 508 -3.55 -6.95 -9.56
CA GLY A 508 -2.86 -6.76 -10.84
C GLY A 508 -2.06 -7.97 -11.28
N GLU A 509 -2.26 -9.11 -10.63
CA GLU A 509 -1.42 -10.31 -10.85
C GLU A 509 -1.47 -10.81 -12.31
N TYR A 510 -2.62 -10.69 -12.94
CA TYR A 510 -2.72 -10.99 -14.36
C TYR A 510 -3.15 -9.77 -15.16
N GLY A 511 -2.55 -8.62 -14.86
CA GLY A 511 -2.76 -7.41 -15.67
C GLY A 511 -4.08 -6.73 -15.44
N GLU A 512 -4.42 -5.80 -16.35
CA GLU A 512 -5.63 -4.98 -16.20
C GLU A 512 -6.89 -5.85 -16.28
N THR A 513 -6.86 -6.97 -17.00
CA THR A 513 -8.07 -7.81 -17.04
C THR A 513 -8.38 -8.45 -15.65
N TRP A 514 -7.33 -8.77 -14.89
CA TRP A 514 -7.50 -9.28 -13.51
C TRP A 514 -8.08 -8.15 -12.65
N HIS A 515 -7.57 -6.93 -12.84
CA HIS A 515 -8.08 -5.78 -12.05
C HIS A 515 -9.56 -5.54 -12.34
N LYS A 516 -9.91 -5.47 -13.62
CA LYS A 516 -11.31 -5.22 -14.00
C LYS A 516 -12.25 -6.35 -13.59
N GLY A 517 -11.70 -7.56 -13.43
CA GLY A 517 -12.44 -8.73 -12.95
C GLY A 517 -12.90 -8.62 -11.51
N GLY A 518 -12.39 -7.61 -10.77
CA GLY A 518 -12.79 -7.45 -9.38
C GLY A 518 -13.16 -6.05 -8.95
N ILE A 519 -13.72 -5.26 -9.87
CA ILE A 519 -14.14 -3.89 -9.60
C ILE A 519 -15.57 -3.64 -10.08
N LEU A 520 -16.17 -2.59 -9.54
CA LEU A 520 -17.42 -2.03 -10.10
C LEU A 520 -18.51 -3.08 -10.01
N ALA A 521 -19.17 -3.41 -11.11
CA ALA A 521 -20.26 -4.37 -11.04
C ALA A 521 -19.74 -5.75 -10.67
N ASN A 522 -18.46 -6.01 -10.89
CA ASN A 522 -17.82 -7.31 -10.61
C ASN A 522 -17.05 -7.40 -9.27
N LYS A 523 -17.25 -6.43 -8.39
CA LYS A 523 -16.61 -6.48 -7.09
C LYS A 523 -16.96 -7.78 -6.34
N GLN A 524 -18.17 -8.29 -6.52
CA GLN A 524 -18.55 -9.55 -5.86
C GLN A 524 -17.62 -10.74 -6.27
N ASN A 525 -17.03 -10.67 -7.47
CA ASN A 525 -15.97 -11.64 -7.78
C ASN A 525 -14.86 -11.75 -6.75
N CYS A 526 -14.40 -10.62 -6.19
CA CYS A 526 -13.36 -10.65 -5.13
C CYS A 526 -13.83 -11.52 -3.97
N PHE A 527 -15.04 -11.27 -3.51
CA PHE A 527 -15.52 -11.98 -2.31
C PHE A 527 -15.73 -13.47 -2.59
N ASP A 528 -16.25 -13.77 -3.79
CA ASP A 528 -16.43 -15.16 -4.22
C ASP A 528 -15.08 -15.88 -4.31
N ASP A 529 -14.09 -15.22 -4.90
CA ASP A 529 -12.75 -15.82 -5.01
C ASP A 529 -12.17 -16.12 -3.62
N PHE A 530 -12.41 -15.20 -2.68
CA PHE A 530 -11.79 -15.33 -1.36
C PHE A 530 -12.47 -16.45 -0.54
N GLN A 531 -13.81 -16.50 -0.64
CA GLN A 531 -14.60 -17.55 -0.04
C GLN A 531 -14.20 -18.90 -0.59
N CYS A 532 -13.97 -18.97 -1.91
CA CYS A 532 -13.52 -20.21 -2.56
C CYS A 532 -12.16 -20.64 -2.10
N ALA A 533 -11.29 -19.68 -1.84
CA ALA A 533 -9.98 -19.96 -1.27
C ALA A 533 -10.12 -20.64 0.07
N ALA A 534 -10.97 -20.10 0.92
CA ALA A 534 -11.26 -20.75 2.20
C ALA A 534 -11.81 -22.19 2.04
N GLU A 535 -12.77 -22.39 1.14
CA GLU A 535 -13.32 -23.73 0.89
C GLU A 535 -12.25 -24.71 0.42
N TYR A 536 -11.31 -24.22 -0.38
CA TYR A 536 -10.21 -25.06 -0.85
C TYR A 536 -9.32 -25.52 0.30
N LEU A 537 -8.88 -24.58 1.15
CA LEU A 537 -8.07 -24.95 2.32
C LEU A 537 -8.76 -26.01 3.19
N ILE A 538 -10.08 -25.87 3.37
CA ILE A 538 -10.85 -26.78 4.22
C ILE A 538 -10.99 -28.15 3.53
N LYS A 539 -11.39 -28.14 2.26
CA LYS A 539 -11.65 -29.35 1.48
C LYS A 539 -10.39 -30.17 1.32
N GLU A 540 -9.25 -29.50 1.13
CA GLU A 540 -7.96 -30.21 0.97
C GLU A 540 -7.30 -30.56 2.29
N GLY A 541 -7.93 -30.17 3.38
CA GLY A 541 -7.53 -30.59 4.72
C GLY A 541 -6.40 -29.80 5.35
N TYR A 542 -6.18 -28.57 4.91
CA TYR A 542 -5.23 -27.70 5.58
C TYR A 542 -5.80 -27.21 6.90
N THR A 543 -7.10 -26.98 6.94
CA THR A 543 -7.72 -26.38 8.12
C THR A 543 -9.18 -26.82 8.24
N SER A 544 -9.91 -26.21 9.17
CA SER A 544 -11.37 -26.37 9.26
C SER A 544 -11.95 -24.99 9.55
N PRO A 545 -13.27 -24.78 9.32
CA PRO A 545 -13.82 -23.44 9.53
C PRO A 545 -13.53 -22.87 10.91
N LYS A 546 -13.63 -23.68 11.96
CA LYS A 546 -13.50 -23.13 13.31
C LYS A 546 -12.04 -22.79 13.65
N ARG A 547 -11.09 -23.28 12.85
CA ARG A 547 -9.68 -22.94 13.05
C ARG A 547 -9.17 -21.93 12.00
N LEU A 548 -10.03 -21.47 11.11
CA LEU A 548 -9.56 -20.57 10.04
C LEU A 548 -9.70 -19.09 10.41
N THR A 549 -8.60 -18.36 10.32
CA THR A 549 -8.63 -16.92 10.51
C THR A 549 -8.42 -16.25 9.16
N ILE A 550 -9.24 -15.25 8.85
CA ILE A 550 -8.94 -14.41 7.70
C ILE A 550 -8.51 -13.00 8.08
N ASN A 551 -7.69 -12.39 7.21
CA ASN A 551 -7.08 -11.08 7.49
C ASN A 551 -6.91 -10.27 6.22
N GLY A 552 -7.20 -8.97 6.28
CA GLY A 552 -6.87 -8.08 5.17
C GLY A 552 -6.87 -6.67 5.69
N GLY A 553 -6.29 -5.74 4.93
CA GLY A 553 -6.26 -4.36 5.41
C GLY A 553 -6.69 -3.40 4.33
N SER A 554 -7.42 -2.33 4.73
CA SER A 554 -7.84 -1.26 3.83
C SER A 554 -8.93 -1.81 2.93
N ASN A 555 -8.68 -1.88 1.63
CA ASN A 555 -9.58 -2.61 0.72
C ASN A 555 -9.65 -4.09 1.16
N GLY A 556 -8.60 -4.61 1.82
CA GLY A 556 -8.61 -6.02 2.27
C GLY A 556 -9.40 -6.13 3.57
N GLY A 557 -9.57 -5.00 4.26
CA GLY A 557 -10.41 -4.99 5.48
C GLY A 557 -11.86 -5.05 5.04
N LEU A 558 -12.16 -4.38 3.92
CA LEU A 558 -13.48 -4.54 3.28
C LEU A 558 -13.71 -6.01 2.90
N LEU A 559 -12.70 -6.61 2.26
CA LEU A 559 -12.78 -8.01 1.86
C LEU A 559 -13.20 -8.89 3.02
N VAL A 560 -12.46 -8.83 4.15
CA VAL A 560 -12.75 -9.79 5.22
C VAL A 560 -14.04 -9.50 6.01
N ALA A 561 -14.39 -8.21 6.13
CA ALA A 561 -15.67 -7.81 6.70
C ALA A 561 -16.86 -8.33 5.87
N THR A 562 -16.76 -8.20 4.56
CA THR A 562 -17.84 -8.67 3.67
C THR A 562 -17.94 -10.18 3.78
N CYS A 563 -16.80 -10.84 3.78
CA CYS A 563 -16.80 -12.30 3.86
C CYS A 563 -17.40 -12.78 5.20
N ALA A 564 -17.18 -12.03 6.27
CA ALA A 564 -17.87 -12.33 7.56
C ALA A 564 -19.40 -12.25 7.46
N ASN A 565 -19.90 -11.20 6.80
CA ASN A 565 -21.35 -11.09 6.64
C ASN A 565 -21.90 -12.16 5.72
N GLN A 566 -21.18 -12.45 4.63
CA GLN A 566 -21.70 -13.35 3.60
C GLN A 566 -21.58 -14.83 3.96
N ARG A 567 -20.49 -15.21 4.60
CA ARG A 567 -20.23 -16.60 4.94
C ARG A 567 -19.71 -16.73 6.37
N PRO A 568 -20.52 -16.35 7.36
CA PRO A 568 -20.06 -16.47 8.75
C PRO A 568 -19.72 -17.91 9.18
N ASP A 569 -20.33 -18.90 8.52
CA ASP A 569 -20.11 -20.33 8.79
C ASP A 569 -18.70 -20.81 8.37
N LEU A 570 -18.02 -20.02 7.54
CA LEU A 570 -16.76 -20.44 6.95
C LEU A 570 -15.50 -20.09 7.79
N PHE A 571 -15.64 -19.18 8.76
CA PHE A 571 -14.49 -18.62 9.48
C PHE A 571 -14.62 -18.68 10.99
N GLY A 572 -13.53 -18.99 11.66
CA GLY A 572 -13.50 -18.91 13.13
C GLY A 572 -13.15 -17.51 13.62
N CYS A 573 -12.27 -16.82 12.89
CA CYS A 573 -11.73 -15.52 13.36
C CYS A 573 -11.50 -14.57 12.18
N VAL A 574 -11.76 -13.29 12.38
CA VAL A 574 -11.61 -12.28 11.32
C VAL A 574 -10.87 -11.09 11.93
N ILE A 575 -9.77 -10.70 11.31
CA ILE A 575 -9.07 -9.48 11.67
C ILE A 575 -9.09 -8.51 10.48
N ALA A 576 -9.82 -7.40 10.65
CA ALA A 576 -9.96 -6.40 9.60
C ALA A 576 -9.21 -5.14 10.00
N GLN A 577 -8.17 -4.82 9.25
CA GLN A 577 -7.35 -3.66 9.60
C GLN A 577 -7.70 -2.52 8.67
N VAL A 578 -7.97 -1.38 9.31
CA VAL A 578 -8.19 -0.08 8.71
C VAL A 578 -9.10 -0.17 7.49
N GLY A 579 -10.23 -0.87 7.66
CA GLY A 579 -11.07 -1.29 6.51
C GLY A 579 -12.13 -0.28 6.03
N VAL A 580 -12.43 -0.30 4.73
CA VAL A 580 -13.50 0.52 4.17
C VAL A 580 -14.81 -0.23 4.42
N MET A 581 -15.62 0.28 5.36
CA MET A 581 -16.81 -0.42 5.82
C MET A 581 -18.12 0.23 5.37
N ASP A 582 -18.12 1.58 5.22
CA ASP A 582 -19.29 2.28 4.75
C ASP A 582 -19.14 2.57 3.25
N MET A 583 -19.65 1.64 2.43
CA MET A 583 -19.49 1.74 0.98
C MET A 583 -20.41 2.79 0.37
N LEU A 584 -21.36 3.29 1.15
CA LEU A 584 -22.26 4.34 0.65
C LEU A 584 -21.71 5.72 0.85
N LYS A 585 -20.79 5.84 1.83
CA LYS A 585 -20.25 7.14 2.20
C LYS A 585 -18.76 7.33 2.01
N PHE A 586 -18.04 6.26 1.64
CA PHE A 586 -16.58 6.36 1.56
C PHE A 586 -16.07 7.57 0.75
N HIS A 587 -16.79 7.96 -0.29
CA HIS A 587 -16.34 9.03 -1.21
C HIS A 587 -16.37 10.45 -0.60
N LYS A 588 -17.07 10.60 0.53
CA LYS A 588 -17.24 11.91 1.11
C LYS A 588 -15.99 12.44 1.88
N TYR A 589 -15.02 11.56 2.17
CA TYR A 589 -13.99 11.83 3.18
C TYR A 589 -12.59 11.79 2.58
N THR A 590 -11.74 12.67 3.08
CA THR A 590 -10.33 12.83 2.66
C THR A 590 -10.12 12.47 1.19
N ILE A 591 -9.39 11.38 0.92
CA ILE A 591 -9.02 10.99 -0.46
C ILE A 591 -10.00 9.88 -1.01
N GLY A 592 -11.04 9.57 -0.25
CA GLY A 592 -12.01 8.51 -0.63
C GLY A 592 -12.60 8.67 -2.03
N HIS A 593 -12.71 9.89 -2.50
CA HIS A 593 -13.26 10.17 -3.82
C HIS A 593 -12.44 9.50 -4.90
N ALA A 594 -11.18 9.21 -4.60
CA ALA A 594 -10.30 8.55 -5.57
C ALA A 594 -10.65 7.06 -5.79
N TRP A 595 -11.38 6.45 -4.86
CA TRP A 595 -11.62 4.98 -4.95
C TRP A 595 -12.83 4.62 -5.83
N THR A 596 -13.58 5.63 -6.29
CA THR A 596 -14.77 5.34 -7.10
C THR A 596 -14.41 4.61 -8.42
N THR A 597 -13.15 4.64 -8.84
CA THR A 597 -12.72 3.91 -10.03
C THR A 597 -12.74 2.40 -9.80
N ASP A 598 -12.61 1.97 -8.54
CA ASP A 598 -12.72 0.54 -8.17
C ASP A 598 -14.12 0.20 -7.71
N TYR A 599 -14.75 1.13 -6.98
CA TYR A 599 -15.97 0.76 -6.27
C TYR A 599 -17.24 1.24 -6.92
N GLY A 600 -17.12 2.34 -7.65
CA GLY A 600 -18.30 3.12 -8.07
C GLY A 600 -18.65 4.14 -7.00
N CYS A 601 -19.76 4.85 -7.18
CA CYS A 601 -20.16 5.88 -6.23
C CYS A 601 -21.68 5.82 -6.01
N SER A 602 -22.13 5.86 -4.76
CA SER A 602 -23.57 5.74 -4.43
C SER A 602 -24.49 6.84 -4.97
N ASP A 603 -23.90 7.94 -5.48
CA ASP A 603 -24.65 9.02 -6.18
C ASP A 603 -25.31 8.54 -7.47
N SER A 604 -24.78 7.45 -8.06
CA SER A 604 -25.39 6.80 -9.22
C SER A 604 -26.28 5.64 -8.77
N LYS A 605 -27.47 5.49 -9.39
CA LYS A 605 -28.42 4.41 -9.05
C LYS A 605 -27.84 3.03 -9.33
N GLN A 606 -27.23 2.93 -10.49
CA GLN A 606 -26.59 1.69 -10.89
C GLN A 606 -25.53 1.24 -9.86
N HIS A 607 -24.64 2.15 -9.48
CA HIS A 607 -23.56 1.84 -8.52
C HIS A 607 -24.10 1.54 -7.15
N PHE A 608 -25.06 2.35 -6.69
CA PHE A 608 -25.73 2.10 -5.46
C PHE A 608 -26.22 0.65 -5.36
N GLU A 609 -26.83 0.16 -6.44
CA GLU A 609 -27.38 -1.19 -6.45
C GLU A 609 -26.32 -2.27 -6.32
N TRP A 610 -25.10 -2.02 -6.82
CA TRP A 610 -24.01 -2.95 -6.58
C TRP A 610 -23.55 -2.82 -5.12
N LEU A 611 -23.33 -1.57 -4.69
CA LEU A 611 -22.66 -1.29 -3.38
C LEU A 611 -23.51 -1.75 -2.21
N ILE A 612 -24.82 -1.50 -2.27
CA ILE A 612 -25.73 -1.92 -1.17
C ILE A 612 -25.70 -3.42 -0.87
N LYS A 613 -25.36 -4.24 -1.86
CA LYS A 613 -25.41 -5.71 -1.71
C LYS A 613 -24.29 -6.26 -0.85
N TYR A 614 -23.19 -5.52 -0.73
CA TYR A 614 -21.99 -6.01 -0.06
C TYR A 614 -21.40 -5.06 1.00
N SER A 615 -21.81 -3.78 0.99
CA SER A 615 -21.29 -2.78 1.93
C SER A 615 -21.39 -3.36 3.35
N PRO A 616 -20.24 -3.54 4.03
CA PRO A 616 -20.26 -4.31 5.30
C PRO A 616 -21.15 -3.64 6.34
N LEU A 617 -21.12 -2.31 6.39
CA LEU A 617 -22.00 -1.58 7.30
C LEU A 617 -23.48 -1.92 7.08
N HIS A 618 -23.85 -2.25 5.85
CA HIS A 618 -25.28 -2.36 5.52
C HIS A 618 -25.75 -3.78 5.39
N ASN A 619 -24.88 -4.72 5.75
CA ASN A 619 -25.18 -6.12 5.57
C ASN A 619 -24.90 -6.98 6.80
N VAL A 620 -24.87 -6.34 7.96
CA VAL A 620 -24.82 -7.07 9.23
C VAL A 620 -26.19 -7.69 9.48
N LYS A 621 -26.22 -9.01 9.57
CA LYS A 621 -27.44 -9.76 9.73
C LYS A 621 -27.19 -11.05 10.51
N LEU A 622 -27.99 -11.25 11.55
CA LEU A 622 -27.98 -12.50 12.32
C LEU A 622 -28.12 -13.66 11.39
N PRO A 623 -27.24 -14.67 11.51
CA PRO A 623 -27.42 -15.82 10.63
C PRO A 623 -28.74 -16.51 10.95
N GLU A 624 -29.45 -16.98 9.90
CA GLU A 624 -30.77 -17.60 10.06
C GLU A 624 -30.73 -18.93 10.76
N ALA A 625 -29.73 -19.73 10.41
CA ALA A 625 -29.52 -21.05 11.00
C ALA A 625 -29.15 -20.96 12.49
N ASP A 626 -29.87 -21.72 13.31
CA ASP A 626 -29.65 -21.72 14.76
C ASP A 626 -28.22 -22.04 15.21
N ASP A 627 -27.52 -22.87 14.48
CA ASP A 627 -26.18 -23.26 14.92
C ASP A 627 -25.03 -22.40 14.33
N ILE A 628 -25.37 -21.26 13.74
CA ILE A 628 -24.38 -20.38 13.12
C ILE A 628 -24.42 -19.01 13.83
N GLN A 629 -23.24 -18.52 14.21
CA GLN A 629 -23.08 -17.21 14.81
C GLN A 629 -22.00 -16.53 13.98
N TYR A 630 -21.72 -15.25 14.27
CA TYR A 630 -20.63 -14.58 13.56
C TYR A 630 -19.31 -15.07 14.10
N PRO A 631 -18.23 -15.10 13.24
CA PRO A 631 -16.93 -15.42 13.80
C PRO A 631 -16.53 -14.39 14.80
N SER A 632 -15.52 -14.72 15.60
CA SER A 632 -14.80 -13.73 16.39
C SER A 632 -14.22 -12.69 15.45
N MET A 633 -14.48 -11.42 15.76
CA MET A 633 -13.99 -10.32 14.93
C MET A 633 -13.20 -9.29 15.71
N LEU A 634 -12.06 -8.89 15.15
CA LEU A 634 -11.30 -7.77 15.67
C LEU A 634 -11.08 -6.75 14.56
N LEU A 635 -11.52 -5.51 14.80
CA LEU A 635 -11.21 -4.38 13.88
C LEU A 635 -10.07 -3.54 14.49
N LEU A 636 -9.07 -3.23 13.66
CA LEU A 636 -7.96 -2.39 14.14
C LEU A 636 -7.98 -1.12 13.30
N THR A 637 -7.99 0.03 13.97
CA THR A 637 -7.86 1.30 13.29
C THR A 637 -7.05 2.29 14.17
N ALA A 638 -6.93 3.54 13.78
CA ALA A 638 -6.10 4.46 14.56
C ALA A 638 -6.61 5.85 14.32
N ASP A 639 -6.36 6.75 15.28
CA ASP A 639 -7.05 8.05 15.24
C ASP A 639 -6.48 9.07 14.23
N HIS A 640 -5.32 8.80 13.66
CA HIS A 640 -4.81 9.67 12.59
C HIS A 640 -4.79 8.91 11.26
N ASP A 641 -5.60 7.84 11.15
CA ASP A 641 -5.79 7.24 9.82
C ASP A 641 -6.62 8.16 8.93
N ASP A 642 -5.96 9.07 8.23
CA ASP A 642 -6.68 9.93 7.31
C ASP A 642 -6.79 9.34 5.89
N ARG A 643 -6.25 8.13 5.69
CA ARG A 643 -6.44 7.44 4.41
C ARG A 643 -7.84 6.81 4.38
N VAL A 644 -8.11 5.94 5.35
CA VAL A 644 -9.43 5.37 5.52
C VAL A 644 -9.90 5.90 6.89
N VAL A 645 -10.73 6.96 6.88
CA VAL A 645 -11.17 7.59 8.14
C VAL A 645 -11.74 6.55 9.12
N PRO A 646 -11.38 6.63 10.41
CA PRO A 646 -11.71 5.54 11.36
C PRO A 646 -13.19 5.40 11.64
N LEU A 647 -13.98 6.44 11.35
CA LEU A 647 -15.44 6.30 11.39
C LEU A 647 -15.95 5.02 10.67
N HIS A 648 -15.26 4.57 9.62
CA HIS A 648 -15.67 3.34 8.96
C HIS A 648 -15.76 2.18 9.99
N SER A 649 -14.67 1.96 10.73
CA SER A 649 -14.63 0.87 11.73
C SER A 649 -15.52 1.17 12.95
N LEU A 650 -15.58 2.44 13.34
CA LEU A 650 -16.41 2.83 14.48
C LEU A 650 -17.88 2.50 14.22
N LYS A 651 -18.40 2.91 13.07
CA LYS A 651 -19.81 2.67 12.75
C LYS A 651 -20.07 1.16 12.60
N PHE A 652 -19.11 0.47 11.99
CA PHE A 652 -19.23 -0.96 11.77
C PHE A 652 -19.25 -1.76 13.05
N ILE A 653 -18.32 -1.48 13.97
CA ILE A 653 -18.36 -2.15 15.28
C ILE A 653 -19.64 -1.86 16.07
N ALA A 654 -20.10 -0.60 16.09
CA ALA A 654 -21.33 -0.33 16.81
C ALA A 654 -22.49 -1.16 16.26
N THR A 655 -22.50 -1.30 14.93
CA THR A 655 -23.53 -2.05 14.26
C THR A 655 -23.43 -3.54 14.57
N LEU A 656 -22.21 -4.09 14.51
CA LEU A 656 -22.01 -5.50 14.84
C LEU A 656 -22.43 -5.80 16.26
N GLN A 657 -21.98 -4.95 17.20
CA GLN A 657 -22.33 -5.18 18.60
C GLN A 657 -23.83 -5.09 18.87
N TYR A 658 -24.49 -4.16 18.19
CA TYR A 658 -25.93 -4.00 18.44
C TYR A 658 -26.73 -5.11 17.77
N ILE A 659 -26.51 -5.36 16.48
CA ILE A 659 -27.34 -6.34 15.76
C ILE A 659 -27.02 -7.78 16.15
N VAL A 660 -25.73 -8.11 16.18
CA VAL A 660 -25.31 -9.47 16.40
C VAL A 660 -24.87 -9.64 17.86
N GLY A 661 -24.08 -8.70 18.38
CA GLY A 661 -23.52 -8.81 19.73
C GLY A 661 -24.56 -8.98 20.83
N ARG A 662 -25.75 -8.40 20.64
CA ARG A 662 -26.87 -8.51 21.59
C ARG A 662 -27.64 -9.84 21.55
N SER A 663 -27.41 -10.69 20.54
CA SER A 663 -28.24 -11.89 20.45
C SER A 663 -27.67 -12.94 21.36
N ARG A 664 -28.52 -13.78 21.93
CA ARG A 664 -28.07 -14.81 22.87
C ARG A 664 -27.14 -15.84 22.25
N LYS A 665 -27.30 -16.14 20.97
CA LYS A 665 -26.42 -17.14 20.37
C LYS A 665 -25.01 -16.63 20.02
N GLN A 666 -24.82 -15.32 20.00
CA GLN A 666 -23.47 -14.81 19.70
C GLN A 666 -22.59 -14.94 20.96
N ASN A 667 -21.61 -15.85 20.95
CA ASN A 667 -20.64 -15.90 22.08
C ASN A 667 -19.27 -15.48 21.67
N ASN A 668 -19.01 -15.43 20.37
CA ASN A 668 -17.73 -14.91 19.87
C ASN A 668 -17.64 -13.38 20.01
N PRO A 669 -16.47 -12.88 20.45
CA PRO A 669 -16.30 -11.44 20.67
C PRO A 669 -16.26 -10.65 19.36
N LEU A 670 -16.80 -9.43 19.41
CA LEU A 670 -16.79 -8.51 18.29
C LEU A 670 -16.16 -7.21 18.84
N LEU A 671 -14.87 -6.98 18.53
CA LEU A 671 -14.08 -5.97 19.24
C LEU A 671 -13.41 -5.01 18.28
N ILE A 672 -13.15 -3.80 18.74
CA ILE A 672 -12.35 -2.88 17.94
C ILE A 672 -11.25 -2.39 18.86
N HIS A 673 -10.11 -2.07 18.27
CA HIS A 673 -9.06 -1.35 18.98
C HIS A 673 -8.70 -0.12 18.16
N VAL A 674 -8.63 1.03 18.81
CA VAL A 674 -8.28 2.27 18.11
C VAL A 674 -6.95 2.78 18.69
N ASP A 675 -5.90 2.77 17.88
CA ASP A 675 -4.59 3.21 18.39
C ASP A 675 -4.51 4.74 18.37
N THR A 676 -3.56 5.29 19.15
CA THR A 676 -3.29 6.72 19.18
C THR A 676 -1.96 7.02 18.51
N LYS A 677 -1.80 8.25 17.99
CA LYS A 677 -0.56 8.64 17.30
C LYS A 677 -0.17 7.65 16.17
N ALA A 678 -1.17 7.13 15.44
CA ALA A 678 -0.89 6.21 14.33
C ALA A 678 -1.94 6.42 13.28
N GLY A 679 -1.69 5.91 12.09
CA GLY A 679 -2.52 6.18 10.94
C GLY A 679 -2.80 4.92 10.15
N HIS A 680 -2.76 5.03 8.82
CA HIS A 680 -3.19 3.90 7.99
C HIS A 680 -2.20 2.72 8.05
N GLY A 681 -0.93 3.04 8.33
CA GLY A 681 0.13 2.04 8.56
C GLY A 681 1.50 2.41 7.99
N ALA A 682 1.51 3.24 6.95
CA ALA A 682 2.76 3.73 6.39
C ALA A 682 3.55 4.50 7.44
N GLY A 683 4.84 4.20 7.54
CA GLY A 683 5.72 4.79 8.56
C GLY A 683 5.40 4.46 10.05
N LYS A 684 4.61 3.44 10.31
CA LYS A 684 4.34 3.01 11.69
C LYS A 684 5.68 2.59 12.36
N PRO A 685 5.99 3.13 13.56
CA PRO A 685 7.28 2.72 14.17
C PRO A 685 7.32 1.25 14.59
N THR A 686 8.52 0.66 14.55
CA THR A 686 8.70 -0.75 14.93
C THR A 686 7.99 -1.13 16.21
N ALA A 687 8.00 -0.25 17.21
CA ALA A 687 7.43 -0.59 18.52
C ALA A 687 5.93 -0.84 18.39
N LYS A 688 5.27 -0.02 17.57
CA LYS A 688 3.81 -0.19 17.29
C LYS A 688 3.53 -1.39 16.39
N VAL A 689 4.44 -1.69 15.46
CA VAL A 689 4.27 -2.84 14.61
C VAL A 689 4.27 -4.06 15.51
N ILE A 690 5.26 -4.14 16.42
CA ILE A 690 5.34 -5.28 17.33
C ILE A 690 4.08 -5.44 18.21
N GLU A 691 3.58 -4.34 18.76
CA GLU A 691 2.38 -4.37 19.59
C GLU A 691 1.22 -4.87 18.74
N GLU A 692 1.07 -4.31 17.55
CA GLU A 692 -0.07 -4.67 16.69
C GLU A 692 -0.11 -6.18 16.36
N VAL A 693 1.01 -6.78 15.95
CA VAL A 693 0.99 -8.21 15.59
C VAL A 693 0.75 -9.06 16.85
N SER A 694 1.23 -8.57 17.99
CA SER A 694 1.00 -9.26 19.26
C SER A 694 -0.49 -9.25 19.61
N ASP A 695 -1.16 -8.09 19.44
CA ASP A 695 -2.63 -8.04 19.59
C ASP A 695 -3.30 -9.02 18.65
N MET A 696 -2.91 -9.02 17.37
CA MET A 696 -3.60 -9.85 16.37
C MET A 696 -3.51 -11.32 16.70
N PHE A 697 -2.30 -11.78 17.00
CA PHE A 697 -2.11 -13.19 17.24
C PHE A 697 -2.60 -13.64 18.61
N ALA A 698 -2.62 -12.72 19.59
CA ALA A 698 -3.21 -13.02 20.88
C ALA A 698 -4.73 -13.23 20.73
N PHE A 699 -5.38 -12.37 19.96
CA PHE A 699 -6.81 -12.54 19.58
C PHE A 699 -7.07 -13.92 19.00
N ILE A 700 -6.25 -14.30 18.02
CA ILE A 700 -6.36 -15.60 17.37
C ILE A 700 -6.19 -16.73 18.40
N ALA A 701 -5.13 -16.65 19.22
CA ALA A 701 -4.79 -17.71 20.16
C ALA A 701 -5.91 -17.91 21.18
N ARG A 702 -6.41 -16.79 21.69
CA ARG A 702 -7.52 -16.78 22.60
C ARG A 702 -8.82 -17.33 21.98
N CYS A 703 -9.22 -16.78 20.83
CA CYS A 703 -10.50 -17.17 20.23
C CYS A 703 -10.49 -18.64 19.80
N LEU A 704 -9.35 -19.11 19.29
CA LEU A 704 -9.21 -20.51 18.86
C LEU A 704 -8.62 -21.48 19.90
N ASN A 705 -8.22 -20.96 21.07
CA ASN A 705 -7.62 -21.76 22.14
C ASN A 705 -6.42 -22.53 21.60
N ILE A 706 -5.51 -21.82 20.96
CA ILE A 706 -4.33 -22.46 20.43
C ILE A 706 -3.24 -22.48 21.51
N ASP A 707 -2.59 -23.62 21.70
CA ASP A 707 -1.42 -23.77 22.59
C ASP A 707 -0.16 -23.21 21.94
N TRP A 708 0.61 -22.44 22.69
CA TRP A 708 1.91 -21.96 22.22
C TRP A 708 2.84 -23.18 22.06
N ILE A 709 3.69 -23.19 21.05
CA ILE A 709 4.65 -24.25 20.85
C ILE A 709 6.03 -23.58 20.99
N PRO A 710 6.71 -23.80 22.14
CA PRO A 710 8.00 -23.13 22.38
C PRO A 710 9.02 -23.45 21.28
#